data_3WDY
#
_entry.id   3WDY
#
_cell.length_a   75.283
_cell.length_b   92.311
_cell.length_c   98.320
_cell.angle_alpha   90.00
_cell.angle_beta   100.57
_cell.angle_gamma   90.00
#
_symmetry.space_group_name_H-M   'P 1 21 1'
#
loop_
_entity.id
_entity.type
_entity.pdbx_description
1 polymer Beta-1,3-1,4-glucanase
2 branched beta-D-glucopyranose-(1-4)-beta-D-glucopyranose
3 branched beta-D-glucopyranose-(1-4)-beta-D-glucopyranose-(1-4)-beta-D-glucopyranose-(1-4)-beta-D-glucopyranose
4 non-polymer beta-D-glucopyranose
5 non-polymer 'SULFATE ION'
6 water water
#
_entity_poly.entity_id   1
_entity_poly.type   'polypeptide(L)'
_entity_poly.pdbx_seq_one_letter_code
;YHLVDDYGRGNGFFDKFNFFTGDDPTHGYVDYVSRDVAAGAGLIGERDGRTYMGVDFTNPASGRGRRSVRLESKNTYEHG
LIVIDLAHMPGSVCGTWPAFWTLGTGDWPYGGAIDIIEGVNDNTFNHMVLHTSDGCTIDNDGFTGNLKTSNCYVYAPGQD
ANAGCGIEATDPNSYGKGFNSIGGGIYATEITPNGISIWFFPRGSEPGDVLGDNPNPANWDTPAAKFAGGGCDWEGKFNA
QRLIFDVTFCGDWAGNVWGIGGCASRAANCVDFVRDNPSAFAESYWLVNSLRVYAP
;
_entity_poly.pdbx_strand_id   A,B,C,D
#
# COMPACT_ATOMS: atom_id res chain seq x y z
N TYR A 1 33.38 -15.93 30.18
CA TYR A 1 33.94 -15.57 28.84
C TYR A 1 35.45 -15.39 28.82
N HIS A 2 36.07 -15.85 27.73
CA HIS A 2 37.51 -15.70 27.54
C HIS A 2 37.74 -15.24 26.10
N LEU A 3 38.79 -14.46 25.89
CA LEU A 3 39.10 -13.98 24.56
C LEU A 3 39.39 -15.10 23.55
N VAL A 4 38.87 -14.97 22.34
CA VAL A 4 39.17 -15.93 21.28
C VAL A 4 39.79 -15.19 20.07
N ASP A 5 39.55 -13.89 19.95
CA ASP A 5 40.08 -13.12 18.83
C ASP A 5 40.17 -11.62 19.11
N ASP A 6 41.38 -11.07 19.17
CA ASP A 6 41.54 -9.61 19.32
C ASP A 6 41.92 -9.22 17.90
N TYR A 7 41.06 -8.47 17.24
CA TYR A 7 41.28 -8.11 15.84
C TYR A 7 42.44 -7.16 15.54
N GLY A 8 43.06 -6.60 16.58
CA GLY A 8 44.17 -5.71 16.34
C GLY A 8 43.81 -4.41 15.64
N ARG A 9 44.70 -3.95 14.76
CA ARG A 9 44.49 -2.68 14.09
C ARG A 9 45.19 -2.62 12.74
N GLY A 10 44.83 -1.62 11.96
CA GLY A 10 45.44 -1.42 10.65
C GLY A 10 45.50 -2.66 9.80
N ASN A 11 46.65 -2.90 9.16
CA ASN A 11 46.79 -4.05 8.28
C ASN A 11 46.56 -5.41 8.93
N GLY A 12 46.93 -5.55 10.19
CA GLY A 12 46.73 -6.80 10.91
C GLY A 12 45.22 -7.04 11.05
N PHE A 13 44.48 -5.97 11.26
CA PHE A 13 43.02 -6.01 11.38
C PHE A 13 42.41 -6.42 10.03
N PHE A 14 42.83 -5.74 8.96
CA PHE A 14 42.30 -6.01 7.61
C PHE A 14 42.59 -7.43 7.12
N ASP A 15 43.73 -7.97 7.52
CA ASP A 15 44.10 -9.35 7.15
C ASP A 15 43.09 -10.35 7.67
N LYS A 16 42.25 -9.94 8.63
CA LYS A 16 41.26 -10.85 9.20
C LYS A 16 39.92 -10.80 8.49
N PHE A 17 39.87 -10.11 7.36
CA PHE A 17 38.64 -9.98 6.61
C PHE A 17 38.83 -10.18 5.13
N ASN A 18 37.76 -10.58 4.48
CA ASN A 18 37.75 -10.74 3.04
C ASN A 18 37.02 -9.47 2.60
N PHE A 19 37.54 -8.77 1.59
CA PHE A 19 36.85 -7.58 1.11
C PHE A 19 35.88 -8.02 0.02
N PHE A 20 34.61 -7.77 0.25
CA PHE A 20 33.56 -8.10 -0.71
C PHE A 20 33.62 -7.09 -1.86
N THR A 21 33.62 -7.57 -3.10
CA THR A 21 33.66 -6.67 -4.24
C THR A 21 32.53 -6.94 -5.24
N GLY A 22 31.61 -7.83 -4.87
CA GLY A 22 30.50 -8.12 -5.77
C GLY A 22 29.49 -6.97 -5.76
N ASP A 23 28.51 -7.01 -6.66
CA ASP A 23 27.49 -5.97 -6.68
C ASP A 23 26.81 -6.05 -5.31
N ASP A 24 26.34 -4.91 -4.80
CA ASP A 24 25.71 -4.90 -3.48
C ASP A 24 24.49 -5.80 -3.36
N PRO A 25 24.50 -6.72 -2.39
CA PRO A 25 23.34 -7.61 -2.22
C PRO A 25 22.09 -6.77 -1.95
N THR A 26 22.26 -5.57 -1.39
CA THR A 26 21.11 -4.74 -1.10
C THR A 26 20.80 -3.71 -2.18
N HIS A 27 21.40 -3.91 -3.36
CA HIS A 27 21.17 -3.07 -4.54
C HIS A 27 21.43 -1.58 -4.39
N GLY A 28 22.32 -1.21 -3.48
CA GLY A 28 22.60 0.20 -3.29
C GLY A 28 23.44 0.77 -4.43
N TYR A 29 23.55 2.09 -4.45
CA TYR A 29 24.35 2.80 -5.44
C TYR A 29 25.73 2.86 -4.82
N VAL A 30 26.36 1.70 -4.74
CA VAL A 30 27.67 1.57 -4.11
C VAL A 30 28.65 0.78 -4.97
N ASP A 31 29.93 1.11 -4.85
CA ASP A 31 30.97 0.39 -5.57
C ASP A 31 31.94 -0.17 -4.54
N TYR A 32 31.70 -1.40 -4.11
CA TYR A 32 32.60 -2.02 -3.14
C TYR A 32 33.92 -2.37 -3.82
N VAL A 33 34.99 -1.76 -3.32
CA VAL A 33 36.31 -1.98 -3.91
C VAL A 33 37.20 -2.92 -3.10
N SER A 34 38.22 -3.44 -3.76
CA SER A 34 39.18 -4.36 -3.15
C SER A 34 39.99 -3.60 -2.12
N ARG A 35 40.73 -4.35 -1.31
CA ARG A 35 41.56 -3.73 -0.27
C ARG A 35 42.60 -2.80 -0.89
N ASP A 36 43.24 -3.25 -1.95
CA ASP A 36 44.26 -2.44 -2.60
C ASP A 36 43.72 -1.14 -3.15
N VAL A 37 42.56 -1.19 -3.81
CA VAL A 37 41.95 0.02 -4.35
C VAL A 37 41.46 0.91 -3.20
N ALA A 38 40.91 0.30 -2.16
CA ALA A 38 40.45 1.07 -1.00
C ALA A 38 41.63 1.80 -0.35
N ALA A 39 42.74 1.11 -0.15
CA ALA A 39 43.91 1.78 0.45
C ALA A 39 44.40 2.91 -0.47
N GLY A 40 44.33 2.67 -1.78
CA GLY A 40 44.76 3.68 -2.73
C GLY A 40 43.84 4.89 -2.79
N ALA A 41 42.58 4.71 -2.36
CA ALA A 41 41.58 5.79 -2.36
C ALA A 41 41.39 6.39 -0.95
N GLY A 42 42.16 5.91 0.00
CA GLY A 42 42.07 6.40 1.36
C GLY A 42 40.82 5.96 2.09
N LEU A 43 40.16 4.89 1.63
CA LEU A 43 38.94 4.40 2.27
C LEU A 43 39.26 3.53 3.49
N ILE A 44 40.49 3.02 3.58
CA ILE A 44 40.88 2.22 4.72
C ILE A 44 42.28 2.59 5.17
N GLY A 45 42.53 2.45 6.46
CA GLY A 45 43.87 2.73 6.95
C GLY A 45 43.88 2.73 8.44
N GLU A 46 44.94 3.29 9.00
CA GLU A 46 45.07 3.37 10.45
C GLU A 46 45.17 4.85 10.78
N ARG A 47 44.47 5.28 11.82
CA ARG A 47 44.52 6.66 12.19
C ARG A 47 44.84 6.71 13.68
N ASP A 48 46.09 7.07 13.99
CA ASP A 48 46.53 7.13 15.37
C ASP A 48 46.19 5.85 16.13
N GLY A 49 46.56 4.72 15.56
CA GLY A 49 46.30 3.46 16.23
C GLY A 49 44.89 2.92 16.14
N ARG A 50 43.97 3.69 15.55
CA ARG A 50 42.58 3.26 15.37
C ARG A 50 42.43 2.76 13.93
N THR A 51 41.48 1.88 13.68
CA THR A 51 41.31 1.38 12.32
C THR A 51 40.18 2.12 11.62
N TYR A 52 40.50 2.67 10.45
CA TYR A 52 39.55 3.47 9.67
C TYR A 52 39.01 2.74 8.47
N MET A 53 37.71 2.86 8.27
CA MET A 53 37.00 2.27 7.14
C MET A 53 35.93 3.29 6.77
N GLY A 54 36.10 3.93 5.62
CA GLY A 54 35.16 4.95 5.19
C GLY A 54 34.74 4.85 3.74
N VAL A 55 34.20 5.93 3.18
CA VAL A 55 33.76 5.93 1.79
C VAL A 55 34.39 7.10 1.04
N ASP A 56 34.24 7.08 -0.27
CA ASP A 56 34.77 8.13 -1.14
C ASP A 56 33.91 9.40 -0.95
N PHE A 57 34.47 10.44 -0.36
CA PHE A 57 33.72 11.68 -0.19
C PHE A 57 34.38 12.78 -1.01
N THR A 58 35.15 12.36 -2.01
CA THR A 58 35.87 13.29 -2.87
C THR A 58 35.34 13.38 -4.32
N ASN A 59 35.16 12.23 -4.94
CA ASN A 59 34.75 12.17 -6.33
C ASN A 59 33.28 12.03 -6.66
N PRO A 60 32.85 12.70 -7.74
CA PRO A 60 31.44 12.57 -8.12
C PRO A 60 31.42 11.07 -8.45
N ALA A 61 30.35 10.35 -8.10
CA ALA A 61 30.35 8.92 -8.34
C ALA A 61 30.12 8.53 -9.79
N SER A 62 30.51 7.31 -10.15
CA SER A 62 30.31 6.78 -11.49
C SER A 62 30.23 5.26 -11.38
N GLY A 63 29.98 4.58 -12.49
CA GLY A 63 29.90 3.13 -12.44
C GLY A 63 28.79 2.64 -11.52
N ARG A 64 29.07 1.59 -10.74
CA ARG A 64 28.10 0.98 -9.82
C ARG A 64 27.59 1.93 -8.73
N GLY A 65 28.37 2.95 -8.41
CA GLY A 65 27.96 3.87 -7.36
C GLY A 65 29.14 4.44 -6.59
N ARG A 66 28.87 5.08 -5.46
CA ARG A 66 29.93 5.68 -4.67
C ARG A 66 30.82 4.61 -4.03
N ARG A 67 32.13 4.79 -4.13
CA ARG A 67 33.07 3.81 -3.59
C ARG A 67 33.03 3.64 -2.07
N SER A 68 33.08 2.38 -1.63
CA SER A 68 33.02 2.01 -0.23
C SER A 68 33.63 0.62 -0.10
N VAL A 69 33.65 0.09 1.12
CA VAL A 69 34.17 -1.23 1.34
C VAL A 69 33.20 -2.03 2.19
N ARG A 70 33.24 -3.34 2.02
CA ARG A 70 32.40 -4.24 2.81
C ARG A 70 33.34 -5.37 3.21
N LEU A 71 33.71 -5.40 4.49
CA LEU A 71 34.61 -6.40 5.04
C LEU A 71 33.83 -7.49 5.76
N GLU A 72 34.16 -8.74 5.44
CA GLU A 72 33.49 -9.88 6.07
C GLU A 72 34.59 -10.72 6.70
N SER A 73 34.48 -10.97 8.00
CA SER A 73 35.53 -11.72 8.71
C SER A 73 35.74 -13.11 8.16
N LYS A 74 37.00 -13.52 8.16
CA LYS A 74 37.37 -14.84 7.68
C LYS A 74 36.90 -15.90 8.67
N ASN A 75 36.89 -15.54 9.97
CA ASN A 75 36.46 -16.47 11.01
C ASN A 75 35.00 -16.28 11.38
N THR A 76 34.37 -17.34 11.88
CA THR A 76 32.97 -17.30 12.28
C THR A 76 32.84 -17.76 13.73
N TYR A 77 31.75 -17.39 14.38
CA TYR A 77 31.54 -17.75 15.77
C TYR A 77 30.13 -18.27 15.97
N GLU A 78 30.02 -19.45 16.59
CA GLU A 78 28.73 -20.10 16.87
C GLU A 78 28.05 -19.33 17.98
N HIS A 79 28.69 -19.27 19.14
CA HIS A 79 28.19 -18.56 20.29
C HIS A 79 29.31 -17.67 20.78
N GLY A 80 28.97 -16.61 21.51
CA GLY A 80 30.01 -15.73 22.01
C GLY A 80 29.57 -14.33 22.33
N LEU A 81 30.55 -13.48 22.59
CA LEU A 81 30.32 -12.09 22.92
C LEU A 81 31.23 -11.27 22.01
N ILE A 82 30.63 -10.41 21.20
CA ILE A 82 31.37 -9.55 20.28
C ILE A 82 31.35 -8.16 20.88
N VAL A 83 32.52 -7.62 21.19
CA VAL A 83 32.62 -6.28 21.78
C VAL A 83 33.39 -5.32 20.87
N ILE A 84 32.72 -4.27 20.41
CA ILE A 84 33.39 -3.31 19.56
C ILE A 84 33.33 -1.93 20.20
N ASP A 85 34.50 -1.34 20.30
CA ASP A 85 34.69 -0.01 20.86
C ASP A 85 34.98 0.91 19.65
N LEU A 86 34.07 1.81 19.36
CA LEU A 86 34.21 2.73 18.23
C LEU A 86 34.39 4.18 18.64
N ALA A 87 35.42 4.82 18.10
CA ALA A 87 35.61 6.22 18.36
C ALA A 87 34.66 6.97 17.44
N HIS A 88 34.25 6.33 16.33
CA HIS A 88 33.40 7.00 15.36
C HIS A 88 32.70 5.96 14.49
N MET A 89 31.51 6.29 14.02
CA MET A 89 30.78 5.38 13.12
C MET A 89 30.21 6.24 12.02
N PRO A 90 29.79 5.63 10.90
CA PRO A 90 29.22 6.43 9.81
C PRO A 90 28.13 7.36 10.37
N GLY A 91 28.21 8.64 9.99
CA GLY A 91 27.26 9.63 10.47
C GLY A 91 25.85 9.47 9.94
N SER A 92 24.96 10.32 10.42
CA SER A 92 23.55 10.29 10.01
C SER A 92 23.46 11.02 8.69
N VAL A 93 24.17 10.51 7.70
CA VAL A 93 24.21 11.17 6.40
C VAL A 93 23.16 10.70 5.43
N CYS A 94 22.42 11.65 4.87
CA CYS A 94 21.40 11.34 3.90
C CYS A 94 21.97 10.47 2.77
N GLY A 95 21.22 9.43 2.42
CA GLY A 95 21.62 8.54 1.35
C GLY A 95 22.49 7.36 1.77
N THR A 96 22.99 7.40 3.00
CA THR A 96 23.84 6.32 3.45
C THR A 96 23.10 5.23 4.21
N TRP A 97 23.73 4.08 4.29
CA TRP A 97 23.16 2.92 4.96
C TRP A 97 24.32 2.11 5.51
N PRO A 98 24.84 2.53 6.68
CA PRO A 98 25.97 1.85 7.33
C PRO A 98 25.50 0.67 8.17
N ALA A 99 26.37 -0.30 8.38
CA ALA A 99 26.00 -1.44 9.22
C ALA A 99 27.19 -2.22 9.72
N PHE A 100 27.13 -2.59 10.99
CA PHE A 100 28.12 -3.47 11.61
C PHE A 100 27.18 -4.59 12.00
N TRP A 101 27.41 -5.77 11.46
CA TRP A 101 26.52 -6.88 11.69
C TRP A 101 27.17 -8.22 11.51
N THR A 102 26.41 -9.29 11.77
CA THR A 102 26.94 -10.64 11.62
C THR A 102 25.99 -11.38 10.68
N LEU A 103 26.55 -12.33 9.93
CA LEU A 103 25.77 -13.10 8.97
C LEU A 103 26.12 -14.58 9.14
N GLY A 104 25.10 -15.41 9.28
CA GLY A 104 25.32 -16.84 9.47
C GLY A 104 25.89 -17.52 8.23
N THR A 105 26.45 -18.69 8.42
CA THR A 105 27.02 -19.43 7.30
C THR A 105 25.90 -20.17 6.62
N GLY A 106 26.08 -20.51 5.35
CA GLY A 106 25.04 -21.23 4.67
C GLY A 106 24.09 -20.32 3.92
N ASP A 107 23.04 -20.92 3.37
CA ASP A 107 22.06 -20.17 2.60
C ASP A 107 21.20 -19.26 3.46
N TRP A 108 20.95 -18.07 2.93
CA TRP A 108 20.13 -17.06 3.58
C TRP A 108 18.67 -17.49 3.43
N PRO A 109 17.85 -17.25 4.46
CA PRO A 109 18.18 -16.62 5.74
C PRO A 109 18.36 -17.67 6.85
N TYR A 110 18.55 -18.93 6.46
CA TYR A 110 18.68 -20.01 7.43
C TYR A 110 19.81 -19.95 8.43
N GLY A 111 20.83 -19.13 8.16
CA GLY A 111 21.94 -19.04 9.09
C GLY A 111 21.71 -17.90 10.06
N GLY A 112 20.67 -17.13 9.80
CA GLY A 112 20.34 -16.00 10.63
C GLY A 112 21.30 -14.86 10.37
N ALA A 113 20.96 -13.68 10.89
CA ALA A 113 21.80 -12.50 10.73
C ALA A 113 21.46 -11.56 11.86
N ILE A 114 22.45 -10.83 12.34
CA ILE A 114 22.28 -9.90 13.46
C ILE A 114 22.80 -8.50 13.11
N ASP A 115 21.91 -7.50 13.04
CA ASP A 115 22.33 -6.13 12.74
C ASP A 115 22.57 -5.49 14.12
N ILE A 116 23.83 -5.22 14.44
CA ILE A 116 24.20 -4.63 15.73
C ILE A 116 24.09 -3.10 15.69
N ILE A 117 24.67 -2.49 14.66
CA ILE A 117 24.64 -1.05 14.46
C ILE A 117 24.17 -0.90 13.02
N GLU A 118 23.06 -0.21 12.82
CA GLU A 118 22.50 -0.04 11.49
C GLU A 118 21.48 1.07 11.45
N GLY A 119 21.45 1.75 10.32
CA GLY A 119 20.50 2.81 10.12
C GLY A 119 20.64 3.35 8.71
N VAL A 120 19.78 4.29 8.36
CA VAL A 120 19.82 4.88 7.04
C VAL A 120 19.60 6.36 7.13
N ASN A 121 20.05 7.05 6.09
CA ASN A 121 19.87 8.46 5.94
C ASN A 121 20.10 9.26 7.21
N ASP A 122 19.15 10.14 7.56
CA ASP A 122 19.32 10.97 8.76
C ASP A 122 18.81 10.37 10.05
N ASN A 123 18.82 9.04 10.16
CA ASN A 123 18.36 8.37 11.38
C ASN A 123 19.10 8.89 12.59
N THR A 124 18.43 8.84 13.73
CA THR A 124 18.96 9.31 15.00
C THR A 124 19.28 8.16 15.95
N PHE A 125 18.37 7.19 15.99
CA PHE A 125 18.49 6.06 16.91
C PHE A 125 18.97 4.79 16.24
N ASN A 126 19.85 4.07 16.92
CA ASN A 126 20.33 2.83 16.36
C ASN A 126 19.18 1.85 16.28
N HIS A 127 19.19 1.02 15.25
CA HIS A 127 18.14 0.03 15.03
C HIS A 127 18.81 -1.35 15.05
N MET A 128 18.54 -2.15 16.08
CA MET A 128 19.11 -3.50 16.23
C MET A 128 18.07 -4.51 15.74
N VAL A 129 18.48 -5.30 14.75
CA VAL A 129 17.59 -6.23 14.09
C VAL A 129 18.13 -7.62 13.83
N LEU A 130 17.24 -8.61 13.85
CA LEU A 130 17.59 -9.99 13.54
C LEU A 130 16.83 -10.37 12.27
N HIS A 131 17.42 -11.27 11.48
CA HIS A 131 16.80 -11.73 10.23
C HIS A 131 16.94 -13.25 10.25
N THR A 132 15.81 -13.94 10.12
CA THR A 132 15.81 -15.39 10.18
C THR A 132 14.81 -16.02 9.25
N SER A 133 14.78 -17.36 9.26
CA SER A 133 13.81 -18.09 8.47
C SER A 133 12.54 -18.00 9.31
N ASP A 134 11.44 -18.51 8.78
CA ASP A 134 10.17 -18.45 9.50
C ASP A 134 10.22 -19.23 10.81
N GLY A 135 9.40 -18.82 11.77
CA GLY A 135 9.36 -19.48 13.06
C GLY A 135 10.24 -18.83 14.11
N CYS A 136 10.33 -17.51 14.09
CA CYS A 136 11.16 -16.82 15.07
C CYS A 136 10.66 -15.42 15.38
N THR A 137 10.05 -15.28 16.55
CA THR A 137 9.50 -14.01 17.03
C THR A 137 10.10 -13.74 18.41
N ILE A 138 10.15 -12.47 18.81
CA ILE A 138 10.75 -12.09 20.08
C ILE A 138 9.77 -11.53 21.12
N ASP A 139 10.20 -11.57 22.39
CA ASP A 139 9.40 -11.07 23.51
C ASP A 139 9.61 -9.55 23.68
N ASN A 140 8.83 -8.94 24.57
CA ASN A 140 8.91 -7.48 24.79
C ASN A 140 9.72 -7.05 26.01
N ASP A 141 10.34 -7.99 26.71
CA ASP A 141 11.07 -7.54 27.89
C ASP A 141 12.57 -7.83 28.01
N GLY A 142 13.15 -7.24 29.05
CA GLY A 142 14.57 -7.40 29.32
C GLY A 142 15.44 -6.38 28.60
N PHE A 143 14.84 -5.39 27.94
CA PHE A 143 15.65 -4.39 27.23
C PHE A 143 15.14 -2.97 27.36
N THR A 144 16.02 -1.99 27.15
CA THR A 144 15.62 -0.58 27.28
C THR A 144 15.10 0.04 26.02
N GLY A 145 15.47 -0.52 24.88
CA GLY A 145 15.01 0.05 23.62
C GLY A 145 13.52 -0.16 23.42
N ASN A 146 12.99 0.33 22.31
CA ASN A 146 11.58 0.12 22.03
C ASN A 146 11.43 -0.80 20.85
N LEU A 147 10.69 -1.88 21.05
CA LEU A 147 10.48 -2.86 20.01
C LEU A 147 9.61 -2.31 18.91
N LYS A 148 10.09 -2.43 17.67
CA LYS A 148 9.34 -1.96 16.51
C LYS A 148 8.66 -3.12 15.79
N THR A 149 9.38 -4.22 15.61
CA THR A 149 8.80 -5.39 14.95
C THR A 149 9.21 -6.61 15.73
N SER A 150 8.27 -7.52 15.91
CA SER A 150 8.48 -8.72 16.70
C SER A 150 8.76 -10.00 15.93
N ASN A 151 8.56 -9.99 14.61
CA ASN A 151 8.78 -11.20 13.82
C ASN A 151 10.10 -11.08 13.08
N CYS A 152 11.00 -12.02 13.29
CA CYS A 152 12.31 -11.97 12.64
C CYS A 152 12.35 -12.55 11.22
N TYR A 153 11.29 -13.23 10.82
CA TYR A 153 11.25 -13.85 9.50
C TYR A 153 11.29 -12.83 8.37
N VAL A 154 12.13 -13.11 7.37
CA VAL A 154 12.26 -12.22 6.23
C VAL A 154 10.94 -11.88 5.55
N TYR A 155 9.95 -12.78 5.61
CA TYR A 155 8.66 -12.49 5.00
C TYR A 155 7.53 -12.51 6.01
N ALA A 156 7.80 -12.01 7.21
CA ALA A 156 6.78 -11.93 8.25
C ALA A 156 5.54 -11.29 7.63
N PRO A 157 4.38 -11.94 7.75
CA PRO A 157 3.14 -11.40 7.18
C PRO A 157 2.82 -9.99 7.68
N GLY A 158 2.60 -9.06 6.75
CA GLY A 158 2.26 -7.70 7.13
C GLY A 158 3.44 -6.75 7.29
N GLN A 159 4.65 -7.29 7.34
CA GLN A 159 5.86 -6.49 7.46
C GLN A 159 6.48 -6.37 6.08
N ASP A 160 7.32 -5.36 5.90
CA ASP A 160 8.00 -5.17 4.64
C ASP A 160 8.94 -6.36 4.49
N ALA A 161 9.26 -6.74 3.26
CA ALA A 161 10.17 -7.85 3.03
C ALA A 161 11.48 -7.54 3.77
N ASN A 162 11.99 -8.54 4.48
CA ASN A 162 13.21 -8.48 5.26
C ASN A 162 13.35 -7.34 6.28
N ALA A 163 12.23 -6.86 6.80
CA ALA A 163 12.29 -5.80 7.80
C ALA A 163 12.86 -6.41 9.08
N GLY A 164 12.67 -7.72 9.26
CA GLY A 164 13.18 -8.40 10.44
C GLY A 164 12.52 -7.96 11.74
N CYS A 165 13.02 -8.49 12.86
CA CYS A 165 12.50 -8.13 14.19
C CYS A 165 13.47 -7.10 14.77
N GLY A 166 13.05 -5.83 14.77
CA GLY A 166 13.92 -4.78 15.23
C GLY A 166 13.54 -4.02 16.48
N ILE A 167 14.55 -3.63 17.24
CA ILE A 167 14.40 -2.85 18.46
C ILE A 167 15.19 -1.57 18.25
N GLU A 168 14.56 -0.44 18.53
CA GLU A 168 15.18 0.86 18.34
C GLU A 168 15.69 1.41 19.67
N ALA A 169 16.96 1.81 19.71
CA ALA A 169 17.56 2.36 20.93
C ALA A 169 16.88 3.66 21.31
N THR A 170 16.87 3.99 22.60
CA THR A 170 16.23 5.20 23.08
C THR A 170 17.20 6.40 23.16
N ASP A 171 18.50 6.11 23.22
CA ASP A 171 19.51 7.17 23.31
C ASP A 171 19.81 7.74 21.92
N PRO A 172 19.62 9.06 21.74
CA PRO A 172 19.90 9.66 20.43
C PRO A 172 21.40 9.64 20.10
N ASN A 173 22.23 9.25 21.07
CA ASN A 173 23.68 9.14 20.85
C ASN A 173 24.09 7.70 20.53
N SER A 174 23.10 6.84 20.30
CA SER A 174 23.38 5.44 19.99
C SER A 174 23.73 5.22 18.52
N TYR A 175 23.62 6.27 17.72
CA TYR A 175 23.87 6.17 16.28
C TYR A 175 24.25 7.48 15.63
N GLY A 176 24.98 7.37 14.52
CA GLY A 176 25.34 8.53 13.73
C GLY A 176 25.87 9.76 14.42
N LYS A 177 25.31 10.88 14.02
CA LYS A 177 25.71 12.18 14.51
C LYS A 177 25.92 12.25 16.02
N GLY A 178 24.89 11.88 16.77
CA GLY A 178 24.97 11.92 18.22
C GLY A 178 26.07 11.06 18.78
N PHE A 179 26.17 9.86 18.24
CA PHE A 179 27.18 8.89 18.64
C PHE A 179 28.57 9.49 18.41
N ASN A 180 28.79 10.06 17.22
CA ASN A 180 30.10 10.64 16.95
C ASN A 180 30.39 11.86 17.81
N SER A 181 29.38 12.70 18.04
CA SER A 181 29.59 13.90 18.85
C SER A 181 30.06 13.60 20.28
N ILE A 182 29.76 12.41 20.80
CA ILE A 182 30.20 12.10 22.16
C ILE A 182 31.46 11.23 22.15
N GLY A 183 32.07 11.09 20.98
CA GLY A 183 33.28 10.30 20.90
C GLY A 183 32.97 8.81 20.85
N GLY A 184 31.78 8.48 20.35
CA GLY A 184 31.38 7.10 20.20
C GLY A 184 31.06 6.32 21.45
N GLY A 185 31.43 5.05 21.45
CA GLY A 185 31.15 4.20 22.59
C GLY A 185 31.40 2.75 22.28
N ILE A 186 30.77 1.89 23.07
CA ILE A 186 30.96 0.46 22.94
C ILE A 186 29.65 -0.29 22.71
N TYR A 187 29.67 -1.21 21.75
CA TYR A 187 28.53 -2.06 21.49
C TYR A 187 28.99 -3.50 21.76
N ALA A 188 28.31 -4.16 22.69
CA ALA A 188 28.64 -5.53 23.02
C ALA A 188 27.45 -6.37 22.58
N THR A 189 27.73 -7.50 21.95
CA THR A 189 26.66 -8.37 21.49
C THR A 189 26.90 -9.79 21.96
N GLU A 190 25.92 -10.36 22.65
CA GLU A 190 26.05 -11.73 23.17
C GLU A 190 25.12 -12.69 22.46
N ILE A 191 25.69 -13.80 21.98
CA ILE A 191 24.91 -14.82 21.28
C ILE A 191 24.96 -16.12 22.09
N THR A 192 23.80 -16.55 22.58
CA THR A 192 23.74 -17.77 23.36
C THR A 192 22.66 -18.65 22.77
N PRO A 193 22.56 -19.90 23.24
CA PRO A 193 21.50 -20.76 22.69
C PRO A 193 20.11 -20.33 23.15
N ASN A 194 20.05 -19.30 23.99
CA ASN A 194 18.77 -18.83 24.51
C ASN A 194 18.38 -17.43 24.08
N GLY A 195 19.13 -16.87 23.14
CA GLY A 195 18.79 -15.53 22.69
C GLY A 195 20.00 -14.66 22.44
N ILE A 196 19.74 -13.42 22.05
CA ILE A 196 20.79 -12.49 21.74
C ILE A 196 20.54 -11.18 22.46
N SER A 197 21.61 -10.60 23.00
CA SER A 197 21.47 -9.32 23.68
C SER A 197 22.51 -8.35 23.14
N ILE A 198 22.13 -7.09 23.06
CA ILE A 198 23.04 -6.06 22.58
C ILE A 198 22.98 -4.89 23.56
N TRP A 199 24.15 -4.52 24.08
CA TRP A 199 24.32 -3.41 25.01
C TRP A 199 25.02 -2.27 24.28
N PHE A 200 24.58 -1.05 24.55
CA PHE A 200 25.22 0.15 24.02
C PHE A 200 25.69 0.97 25.22
N PHE A 201 27.00 1.18 25.30
CA PHE A 201 27.55 1.97 26.39
C PHE A 201 28.14 3.24 25.79
N PRO A 202 27.45 4.39 25.95
CA PRO A 202 28.03 5.61 25.36
C PRO A 202 29.38 5.87 26.05
N ARG A 203 30.29 6.51 25.32
CA ARG A 203 31.64 6.81 25.81
C ARG A 203 31.71 7.14 27.30
N GLY A 204 32.55 6.39 28.01
CA GLY A 204 32.75 6.62 29.43
C GLY A 204 31.88 5.82 30.38
N SER A 205 30.66 5.45 29.95
CA SER A 205 29.74 4.71 30.81
C SER A 205 29.86 3.19 30.80
N GLU A 206 30.84 2.65 30.07
CA GLU A 206 30.96 1.20 29.99
C GLU A 206 31.41 0.52 31.28
N PRO A 207 31.07 -0.77 31.45
CA PRO A 207 31.44 -1.56 32.64
C PRO A 207 32.97 -1.67 32.66
N GLY A 208 33.54 -1.89 33.83
CA GLY A 208 34.98 -1.99 33.93
C GLY A 208 35.62 -3.23 33.32
N ASP A 209 34.82 -4.24 32.97
CA ASP A 209 35.38 -5.47 32.41
C ASP A 209 35.05 -5.72 30.92
N VAL A 210 34.37 -4.76 30.28
CA VAL A 210 33.96 -4.95 28.90
C VAL A 210 35.10 -5.06 27.87
N LEU A 211 36.26 -4.52 28.19
CA LEU A 211 37.39 -4.57 27.27
C LEU A 211 38.48 -5.51 27.77
N GLY A 212 38.24 -6.14 28.92
CA GLY A 212 39.22 -7.03 29.53
C GLY A 212 39.24 -8.47 29.05
N ASP A 213 39.88 -9.32 29.87
CA ASP A 213 40.03 -10.73 29.54
C ASP A 213 38.85 -11.62 29.89
N ASN A 214 37.93 -11.11 30.68
CA ASN A 214 36.77 -11.92 31.06
C ASN A 214 35.55 -11.08 31.35
N PRO A 215 34.97 -10.49 30.30
CA PRO A 215 33.78 -9.66 30.48
C PRO A 215 32.65 -10.55 31.00
N ASN A 216 31.84 -10.00 31.91
CA ASN A 216 30.72 -10.76 32.47
C ASN A 216 29.41 -9.99 32.28
N PRO A 217 28.73 -10.20 31.14
CA PRO A 217 27.47 -9.54 30.79
C PRO A 217 26.40 -9.62 31.89
N ALA A 218 26.34 -10.75 32.58
CA ALA A 218 25.35 -10.94 33.63
C ALA A 218 25.29 -9.79 34.64
N ASN A 219 26.39 -9.07 34.85
CA ASN A 219 26.38 -7.94 35.79
C ASN A 219 26.23 -6.56 35.17
N TRP A 220 26.05 -6.49 33.85
CA TRP A 220 25.91 -5.20 33.19
C TRP A 220 24.48 -4.69 33.26
N ASP A 221 24.29 -3.40 33.04
CA ASP A 221 22.94 -2.83 33.05
C ASP A 221 22.10 -3.51 31.98
N THR A 222 20.80 -3.23 32.01
CA THR A 222 19.88 -3.79 31.06
C THR A 222 20.34 -3.50 29.64
N PRO A 223 20.33 -4.52 28.77
CA PRO A 223 20.77 -4.26 27.39
C PRO A 223 19.83 -3.30 26.65
N ALA A 224 20.32 -2.67 25.60
CA ALA A 224 19.49 -1.77 24.81
C ALA A 224 18.50 -2.63 24.02
N ALA A 225 18.94 -3.81 23.62
CA ALA A 225 18.08 -4.71 22.86
C ALA A 225 18.26 -6.12 23.34
N LYS A 226 17.19 -6.90 23.31
CA LYS A 226 17.28 -8.30 23.70
C LYS A 226 16.29 -9.10 22.88
N PHE A 227 16.78 -10.18 22.29
CA PHE A 227 15.97 -11.00 21.44
C PHE A 227 15.89 -12.37 22.09
N ALA A 228 14.72 -12.67 22.65
CA ALA A 228 14.57 -13.94 23.34
C ALA A 228 13.11 -14.32 23.47
N GLY A 229 12.86 -15.50 24.04
CA GLY A 229 11.48 -15.95 24.21
C GLY A 229 11.21 -17.28 23.54
N GLY A 230 10.10 -17.91 23.90
CA GLY A 230 9.77 -19.21 23.34
C GLY A 230 9.26 -19.21 21.92
N GLY A 231 9.12 -18.04 21.31
CA GLY A 231 8.63 -17.97 19.94
C GLY A 231 9.72 -18.21 18.92
N CYS A 232 10.89 -18.65 19.37
CA CYS A 232 12.02 -18.90 18.47
C CYS A 232 12.97 -19.93 19.02
N ASP A 233 13.54 -20.75 18.13
CA ASP A 233 14.55 -21.73 18.52
C ASP A 233 15.86 -20.99 18.28
N TRP A 234 16.33 -20.30 19.30
CA TRP A 234 17.55 -19.52 19.18
C TRP A 234 18.78 -20.28 18.73
N GLU A 235 18.88 -21.55 19.12
CA GLU A 235 20.03 -22.33 18.74
C GLU A 235 19.98 -22.73 17.27
N GLY A 236 18.81 -23.17 16.82
CA GLY A 236 18.67 -23.61 15.45
C GLY A 236 18.51 -22.55 14.39
N LYS A 237 18.08 -21.35 14.75
CA LYS A 237 17.88 -20.32 13.76
C LYS A 237 19.14 -19.51 13.47
N PHE A 238 20.18 -19.75 14.25
CA PHE A 238 21.43 -19.06 14.06
C PHE A 238 22.62 -20.01 14.07
N ASN A 239 23.40 -20.02 13.00
CA ASN A 239 24.60 -20.85 13.04
C ASN A 239 25.81 -19.91 13.14
N ALA A 240 27.00 -20.40 12.83
CA ALA A 240 28.21 -19.58 12.95
C ALA A 240 28.07 -18.23 12.24
N GLN A 241 28.39 -17.16 12.96
CA GLN A 241 28.26 -15.83 12.38
C GLN A 241 29.62 -15.23 12.02
N ARG A 242 29.66 -14.49 10.92
CA ARG A 242 30.91 -13.80 10.56
C ARG A 242 30.62 -12.32 10.69
N LEU A 243 31.61 -11.57 11.16
CA LEU A 243 31.46 -10.14 11.35
C LEU A 243 31.56 -9.37 10.06
N ILE A 244 30.69 -8.38 9.89
CA ILE A 244 30.70 -7.58 8.69
C ILE A 244 30.58 -6.07 8.92
N PHE A 245 31.43 -5.31 8.23
CA PHE A 245 31.39 -3.85 8.26
C PHE A 245 31.07 -3.44 6.82
N ASP A 246 30.13 -2.52 6.63
CA ASP A 246 29.87 -2.00 5.31
C ASP A 246 29.19 -0.67 5.40
N VAL A 247 29.20 0.04 4.29
CA VAL A 247 28.44 1.26 4.20
C VAL A 247 27.96 1.23 2.77
N THR A 248 26.65 1.12 2.58
CA THR A 248 26.13 1.16 1.22
C THR A 248 25.35 2.47 1.06
N PHE A 249 24.77 2.70 -0.11
CA PHE A 249 24.04 3.93 -0.33
C PHE A 249 22.73 3.60 -1.03
N CYS A 250 21.69 4.36 -0.71
CA CYS A 250 20.38 4.17 -1.33
C CYS A 250 19.99 2.70 -1.22
N GLY A 251 19.63 2.09 -2.34
CA GLY A 251 19.29 0.67 -2.29
C GLY A 251 17.95 0.33 -1.67
N ASP A 252 17.76 -0.96 -1.38
CA ASP A 252 16.51 -1.49 -0.84
C ASP A 252 15.88 -0.75 0.32
N TRP A 253 16.70 -0.23 1.23
CA TRP A 253 16.13 0.48 2.36
C TRP A 253 16.26 1.99 2.20
N ALA A 254 17.48 2.49 2.35
CA ALA A 254 17.69 3.93 2.29
C ALA A 254 17.15 4.60 1.02
N GLY A 255 17.29 3.93 -0.12
CA GLY A 255 16.81 4.53 -1.34
C GLY A 255 15.30 4.53 -1.47
N ASN A 256 14.64 3.57 -0.83
CA ASN A 256 13.20 3.47 -0.90
C ASN A 256 12.48 4.36 0.10
N VAL A 257 13.17 4.80 1.15
CA VAL A 257 12.55 5.68 2.14
C VAL A 257 13.06 7.12 2.01
N TRP A 258 13.92 7.34 1.03
CA TRP A 258 14.49 8.66 0.80
C TRP A 258 13.46 9.77 0.62
N GLY A 259 12.48 9.53 -0.23
CA GLY A 259 11.46 10.53 -0.50
C GLY A 259 10.44 10.83 0.58
N ILE A 260 10.49 10.14 1.71
CA ILE A 260 9.50 10.40 2.76
C ILE A 260 10.04 11.13 3.97
N GLY A 261 11.28 10.82 4.36
CA GLY A 261 11.86 11.48 5.52
C GLY A 261 12.42 12.87 5.24
N GLY A 262 13.28 13.35 6.15
CA GLY A 262 13.87 14.67 5.99
C GLY A 262 14.91 14.87 4.89
N CYS A 263 15.35 13.78 4.26
CA CYS A 263 16.34 13.93 3.19
C CYS A 263 15.73 14.22 1.82
N ALA A 264 14.42 14.03 1.70
CA ALA A 264 13.72 14.22 0.43
C ALA A 264 13.99 15.54 -0.29
N SER A 265 14.24 16.59 0.47
CA SER A 265 14.48 17.90 -0.11
C SER A 265 15.89 18.13 -0.65
N ARG A 266 16.82 17.23 -0.32
CA ARG A 266 18.20 17.36 -0.78
C ARG A 266 18.35 17.07 -2.27
N ALA A 267 17.46 16.24 -2.80
CA ALA A 267 17.52 15.89 -4.21
C ALA A 267 16.29 15.11 -4.64
N ALA A 268 16.07 15.05 -5.95
CA ALA A 268 14.94 14.34 -6.49
C ALA A 268 14.94 12.93 -5.93
N ASN A 269 16.09 12.25 -6.05
CA ASN A 269 16.20 10.91 -5.54
C ASN A 269 17.54 10.66 -4.89
N CYS A 270 17.60 9.58 -4.12
CA CYS A 270 18.79 9.19 -3.39
C CYS A 270 20.04 9.09 -4.26
N VAL A 271 19.91 8.41 -5.40
CA VAL A 271 21.04 8.24 -6.30
C VAL A 271 21.67 9.52 -6.80
N ASP A 272 20.85 10.45 -7.27
CA ASP A 272 21.37 11.72 -7.76
C ASP A 272 22.13 12.43 -6.63
N PHE A 273 21.61 12.36 -5.41
CA PHE A 273 22.28 13.03 -4.30
C PHE A 273 23.64 12.38 -4.01
N VAL A 274 23.65 11.05 -3.90
CA VAL A 274 24.90 10.36 -3.60
C VAL A 274 25.92 10.52 -4.73
N ARG A 275 25.44 10.56 -5.96
CA ARG A 275 26.34 10.70 -7.10
C ARG A 275 26.99 12.09 -7.19
N ASP A 276 26.18 13.13 -7.04
CA ASP A 276 26.66 14.51 -7.19
C ASP A 276 27.13 15.28 -5.96
N ASN A 277 27.02 14.71 -4.77
CA ASN A 277 27.45 15.43 -3.55
C ASN A 277 28.48 14.66 -2.75
N PRO A 278 29.65 14.40 -3.33
CA PRO A 278 30.68 13.65 -2.61
C PRO A 278 31.04 14.18 -1.23
N SER A 279 31.11 15.50 -1.08
CA SER A 279 31.51 16.07 0.18
C SER A 279 30.58 15.76 1.34
N ALA A 280 29.35 15.35 1.02
CA ALA A 280 28.36 15.01 2.04
C ALA A 280 28.75 13.82 2.90
N PHE A 281 29.62 12.98 2.36
CA PHE A 281 29.96 11.76 3.06
C PHE A 281 31.21 11.68 3.88
N ALA A 282 31.80 12.82 4.23
CA ALA A 282 33.01 12.80 5.04
C ALA A 282 32.80 12.06 6.35
N GLU A 283 31.63 12.19 6.94
CA GLU A 283 31.34 11.54 8.22
C GLU A 283 31.00 10.05 8.14
N SER A 284 30.89 9.52 6.93
CA SER A 284 30.50 8.11 6.80
C SER A 284 31.67 7.15 6.97
N TYR A 285 32.21 7.11 8.19
CA TYR A 285 33.32 6.21 8.46
C TYR A 285 33.33 5.57 9.84
N TRP A 286 33.87 4.36 9.88
CA TRP A 286 34.04 3.61 11.10
C TRP A 286 35.45 3.95 11.56
N LEU A 287 35.64 4.09 12.87
CA LEU A 287 36.96 4.35 13.41
C LEU A 287 37.00 3.47 14.66
N VAL A 288 37.67 2.33 14.51
CA VAL A 288 37.74 1.33 15.54
C VAL A 288 38.84 1.43 16.56
N ASN A 289 38.46 1.46 17.85
CA ASN A 289 39.44 1.44 18.93
C ASN A 289 39.81 -0.02 19.13
N SER A 290 38.81 -0.89 19.13
CA SER A 290 39.11 -2.30 19.26
C SER A 290 37.90 -3.16 18.98
N LEU A 291 38.18 -4.37 18.54
CA LEU A 291 37.15 -5.35 18.22
C LEU A 291 37.70 -6.65 18.79
N ARG A 292 36.99 -7.19 19.78
CA ARG A 292 37.41 -8.42 20.42
C ARG A 292 36.24 -9.38 20.51
N VAL A 293 36.50 -10.65 20.23
CA VAL A 293 35.44 -11.63 20.28
C VAL A 293 35.80 -12.62 21.38
N TYR A 294 34.82 -12.95 22.22
CA TYR A 294 35.00 -13.88 23.32
C TYR A 294 34.08 -15.09 23.17
N ALA A 295 34.41 -16.17 23.86
CA ALA A 295 33.59 -17.38 23.83
C ALA A 295 33.33 -17.86 25.25
N PRO A 296 32.21 -18.56 25.47
CA PRO A 296 31.91 -19.06 26.82
C PRO A 296 32.78 -20.27 27.16
N TYR B 1 -3.79 36.75 22.20
CA TYR B 1 -4.84 35.69 22.38
C TYR B 1 -5.86 35.95 23.48
N HIS B 2 -7.14 35.79 23.14
CA HIS B 2 -8.21 35.95 24.11
C HIS B 2 -9.12 34.73 24.03
N LEU B 3 -9.68 34.33 25.16
CA LEU B 3 -10.57 33.17 25.21
C LEU B 3 -11.77 33.30 24.28
N VAL B 4 -12.10 32.22 23.57
CA VAL B 4 -13.30 32.22 22.74
C VAL B 4 -14.15 31.00 23.09
N ASP B 5 -13.58 30.06 23.85
CA ASP B 5 -14.33 28.87 24.23
C ASP B 5 -13.71 28.08 25.37
N ASP B 6 -14.33 28.15 26.54
CA ASP B 6 -13.87 27.35 27.66
C ASP B 6 -14.91 26.23 27.67
N TYR B 7 -14.46 24.98 27.57
CA TYR B 7 -15.40 23.87 27.50
C TYR B 7 -15.99 23.39 28.83
N GLY B 8 -15.63 24.04 29.92
CA GLY B 8 -16.17 23.63 31.20
C GLY B 8 -15.86 22.17 31.53
N ARG B 9 -16.78 21.51 32.22
CA ARG B 9 -16.58 20.11 32.60
C ARG B 9 -17.92 19.39 32.65
N GLY B 10 -17.86 18.07 32.72
CA GLY B 10 -19.06 17.27 32.81
C GLY B 10 -20.09 17.51 31.74
N ASN B 11 -21.35 17.59 32.15
CA ASN B 11 -22.44 17.79 31.21
C ASN B 11 -22.34 19.07 30.39
N GLY B 12 -21.74 20.11 30.97
CA GLY B 12 -21.58 21.35 30.23
C GLY B 12 -20.54 21.16 29.13
N PHE B 13 -19.60 20.24 29.36
CA PHE B 13 -18.55 19.93 28.40
C PHE B 13 -19.21 19.11 27.27
N PHE B 14 -19.94 18.08 27.66
CA PHE B 14 -20.60 17.23 26.67
C PHE B 14 -21.64 17.99 25.83
N ASP B 15 -22.29 18.99 26.42
CA ASP B 15 -23.29 19.80 25.69
C ASP B 15 -22.65 20.54 24.52
N LYS B 16 -21.32 20.61 24.52
CA LYS B 16 -20.61 21.33 23.46
C LYS B 16 -20.11 20.41 22.36
N PHE B 17 -20.51 19.14 22.40
CA PHE B 17 -20.08 18.18 21.40
C PHE B 17 -21.25 17.36 20.84
N ASN B 18 -21.11 16.94 19.59
CA ASN B 18 -22.09 16.04 18.98
C ASN B 18 -21.42 14.67 19.12
N PHE B 19 -22.19 13.63 19.43
CA PHE B 19 -21.60 12.31 19.55
C PHE B 19 -21.81 11.59 18.23
N PHE B 20 -20.69 11.21 17.59
CA PHE B 20 -20.72 10.49 16.32
C PHE B 20 -21.09 9.03 16.62
N THR B 21 -22.04 8.47 15.87
CA THR B 21 -22.45 7.09 16.13
C THR B 21 -22.41 6.22 14.87
N GLY B 22 -21.87 6.77 13.78
CA GLY B 22 -21.79 5.98 12.57
C GLY B 22 -20.66 4.95 12.64
N ASP B 23 -20.59 4.09 11.63
CA ASP B 23 -19.52 3.11 11.60
C ASP B 23 -18.21 3.91 11.58
N ASP B 24 -17.18 3.36 12.20
CA ASP B 24 -15.90 4.06 12.24
C ASP B 24 -15.32 4.34 10.88
N PRO B 25 -15.00 5.62 10.58
CA PRO B 25 -14.41 5.96 9.29
C PRO B 25 -13.07 5.26 9.05
N THR B 26 -12.37 4.92 10.13
CA THR B 26 -11.09 4.23 9.97
C THR B 26 -11.26 2.72 10.07
N HIS B 27 -12.52 2.29 9.98
CA HIS B 27 -12.85 0.86 9.95
C HIS B 27 -12.42 0.01 11.14
N GLY B 28 -12.41 0.61 12.33
CA GLY B 28 -12.03 -0.17 13.50
C GLY B 28 -13.14 -1.07 14.02
N TYR B 29 -12.77 -1.90 14.98
CA TYR B 29 -13.68 -2.82 15.63
C TYR B 29 -14.20 -2.01 16.83
N VAL B 30 -15.04 -1.03 16.52
CA VAL B 30 -15.55 -0.14 17.55
C VAL B 30 -17.02 0.11 17.37
N ASP B 31 -17.70 0.33 18.49
CA ASP B 31 -19.11 0.62 18.46
C ASP B 31 -19.27 1.99 19.13
N TYR B 32 -19.26 3.05 18.31
CA TYR B 32 -19.45 4.41 18.82
C TYR B 32 -20.90 4.60 19.26
N VAL B 33 -21.10 4.84 20.55
CA VAL B 33 -22.45 5.00 21.10
C VAL B 33 -22.88 6.44 21.35
N SER B 34 -24.20 6.63 21.48
CA SER B 34 -24.79 7.93 21.73
C SER B 34 -24.39 8.38 23.11
N ARG B 35 -24.63 9.67 23.37
CA ARG B 35 -24.35 10.25 24.65
C ARG B 35 -25.13 9.51 25.75
N ASP B 36 -26.42 9.25 25.53
CA ASP B 36 -27.18 8.58 26.56
C ASP B 36 -26.70 7.16 26.83
N VAL B 37 -26.38 6.42 25.78
CA VAL B 37 -25.89 5.05 25.95
C VAL B 37 -24.53 5.06 26.66
N ALA B 38 -23.70 6.03 26.30
CA ALA B 38 -22.38 6.16 26.92
C ALA B 38 -22.54 6.40 28.42
N ALA B 39 -23.35 7.40 28.77
CA ALA B 39 -23.56 7.71 30.19
C ALA B 39 -24.07 6.45 30.89
N GLY B 40 -24.99 5.76 30.26
CA GLY B 40 -25.54 4.54 30.85
C GLY B 40 -24.52 3.42 31.08
N ALA B 41 -23.43 3.42 30.30
CA ALA B 41 -22.40 2.40 30.39
C ALA B 41 -21.12 2.89 31.09
N GLY B 42 -21.19 4.09 31.67
CA GLY B 42 -20.05 4.67 32.36
C GLY B 42 -18.93 5.11 31.45
N LEU B 43 -19.20 5.27 30.16
CA LEU B 43 -18.14 5.68 29.22
C LEU B 43 -17.83 7.17 29.24
N ILE B 44 -18.73 7.96 29.84
CA ILE B 44 -18.52 9.40 29.95
C ILE B 44 -19.03 9.87 31.30
N GLY B 45 -18.50 10.99 31.77
CA GLY B 45 -18.95 11.51 33.04
C GLY B 45 -17.96 12.51 33.60
N GLU B 46 -18.04 12.72 34.89
CA GLU B 46 -17.17 13.65 35.57
C GLU B 46 -16.52 12.86 36.70
N ARG B 47 -15.25 13.11 36.95
CA ARG B 47 -14.54 12.41 38.00
C ARG B 47 -13.78 13.46 38.79
N ASP B 48 -14.30 13.81 39.95
CA ASP B 48 -13.72 14.82 40.83
C ASP B 48 -13.45 16.11 40.07
N GLY B 49 -14.42 16.54 39.28
CA GLY B 49 -14.25 17.78 38.54
C GLY B 49 -13.56 17.69 37.19
N ARG B 50 -13.04 16.53 36.82
CA ARG B 50 -12.40 16.31 35.51
C ARG B 50 -13.43 15.61 34.63
N THR B 51 -13.35 15.83 33.32
CA THR B 51 -14.31 15.21 32.41
C THR B 51 -13.72 13.91 31.90
N TYR B 52 -14.50 12.85 32.03
CA TYR B 52 -14.08 11.51 31.64
C TYR B 52 -14.75 11.03 30.36
N MET B 53 -13.95 10.43 29.49
CA MET B 53 -14.40 9.86 28.23
C MET B 53 -13.56 8.60 28.09
N GLY B 54 -14.21 7.44 28.13
CA GLY B 54 -13.48 6.20 28.02
C GLY B 54 -14.17 5.13 27.19
N VAL B 55 -13.73 3.89 27.38
CA VAL B 55 -14.30 2.78 26.62
C VAL B 55 -14.81 1.65 27.51
N ASP B 56 -15.58 0.76 26.91
CA ASP B 56 -16.14 -0.40 27.61
C ASP B 56 -14.97 -1.33 27.92
N PHE B 57 -14.69 -1.55 29.20
CA PHE B 57 -13.61 -2.46 29.57
C PHE B 57 -14.20 -3.55 30.47
N THR B 58 -15.51 -3.72 30.37
CA THR B 58 -16.23 -4.70 31.16
C THR B 58 -16.78 -5.90 30.37
N ASN B 59 -17.41 -5.61 29.24
CA ASN B 59 -18.05 -6.65 28.47
C ASN B 59 -17.34 -7.19 27.25
N PRO B 60 -17.52 -8.49 26.97
CA PRO B 60 -16.92 -9.11 25.79
C PRO B 60 -17.65 -8.32 24.68
N ALA B 61 -16.93 -7.96 23.63
CA ALA B 61 -17.51 -7.15 22.58
C ALA B 61 -18.42 -7.92 21.65
N SER B 62 -19.33 -7.19 21.02
CA SER B 62 -20.25 -7.76 20.05
C SER B 62 -20.65 -6.69 19.05
N GLY B 63 -21.41 -7.10 18.04
CA GLY B 63 -21.83 -6.16 17.01
C GLY B 63 -20.67 -5.51 16.30
N ARG B 64 -20.76 -4.19 16.13
CA ARG B 64 -19.72 -3.42 15.45
C ARG B 64 -18.35 -3.45 16.14
N GLY B 65 -18.33 -3.67 17.44
CA GLY B 65 -17.07 -3.67 18.13
C GLY B 65 -17.18 -3.25 19.58
N ARG B 66 -16.05 -2.95 20.20
CA ARG B 66 -16.03 -2.56 21.60
C ARG B 66 -16.58 -1.14 21.69
N ARG B 67 -17.43 -0.90 22.69
CA ARG B 67 -18.07 0.40 22.87
C ARG B 67 -17.13 1.53 23.26
N SER B 68 -17.30 2.65 22.57
CA SER B 68 -16.47 3.82 22.79
C SER B 68 -17.31 5.01 22.36
N VAL B 69 -16.72 6.21 22.40
CA VAL B 69 -17.41 7.40 21.98
C VAL B 69 -16.45 8.22 21.12
N ARG B 70 -17.04 9.02 20.25
CA ARG B 70 -16.31 9.91 19.37
C ARG B 70 -17.07 11.22 19.44
N LEU B 71 -16.47 12.20 20.11
CA LEU B 71 -17.09 13.52 20.29
C LEU B 71 -16.48 14.51 19.31
N GLU B 72 -17.35 15.23 18.58
CA GLU B 72 -16.93 16.23 17.60
C GLU B 72 -17.54 17.55 18.04
N SER B 73 -16.71 18.53 18.35
CA SER B 73 -17.22 19.81 18.82
C SER B 73 -18.23 20.46 17.88
N LYS B 74 -19.21 21.12 18.48
CA LYS B 74 -20.22 21.81 17.70
C LYS B 74 -19.58 23.07 17.11
N ASN B 75 -18.65 23.66 17.84
CA ASN B 75 -17.98 24.88 17.38
C ASN B 75 -16.77 24.55 16.54
N THR B 76 -16.46 25.43 15.58
CA THR B 76 -15.27 25.27 14.73
C THR B 76 -14.41 26.51 14.90
N TYR B 77 -13.14 26.38 14.53
CA TYR B 77 -12.23 27.50 14.71
C TYR B 77 -11.33 27.69 13.48
N GLU B 78 -11.40 28.89 12.90
CA GLU B 78 -10.62 29.23 11.72
C GLU B 78 -9.13 29.22 12.06
N HIS B 79 -8.76 30.05 13.03
CA HIS B 79 -7.38 30.15 13.52
C HIS B 79 -7.49 30.20 15.04
N GLY B 80 -6.41 29.90 15.74
CA GLY B 80 -6.49 29.95 17.18
C GLY B 80 -5.49 29.11 17.93
N LEU B 81 -5.67 29.07 19.25
CA LEU B 81 -4.82 28.32 20.13
C LEU B 81 -5.72 27.39 20.92
N ILE B 82 -5.50 26.08 20.77
CA ILE B 82 -6.29 25.07 21.45
C ILE B 82 -5.44 24.51 22.58
N VAL B 83 -5.87 24.74 23.81
CA VAL B 83 -5.10 24.24 24.94
C VAL B 83 -5.90 23.19 25.73
N ILE B 84 -5.33 21.99 25.85
CA ILE B 84 -5.98 20.95 26.59
C ILE B 84 -5.07 20.53 27.71
N ASP B 85 -5.63 20.48 28.92
CA ASP B 85 -4.89 20.06 30.09
C ASP B 85 -5.49 18.70 30.48
N LEU B 86 -4.69 17.65 30.33
CA LEU B 86 -5.15 16.29 30.61
C LEU B 86 -4.51 15.63 31.83
N ALA B 87 -5.34 15.09 32.71
CA ALA B 87 -4.82 14.38 33.87
C ALA B 87 -4.52 12.95 33.42
N HIS B 88 -5.19 12.50 32.35
CA HIS B 88 -5.03 11.11 31.87
C HIS B 88 -5.45 11.05 30.39
N MET B 89 -4.83 10.18 29.61
CA MET B 89 -5.22 10.01 28.21
C MET B 89 -5.29 8.51 28.01
N PRO B 90 -5.90 8.04 26.93
CA PRO B 90 -5.96 6.58 26.74
C PRO B 90 -4.55 5.98 26.79
N GLY B 91 -4.43 4.86 27.50
CA GLY B 91 -3.13 4.20 27.67
C GLY B 91 -2.54 3.56 26.43
N SER B 92 -1.30 3.08 26.57
CA SER B 92 -0.61 2.40 25.47
C SER B 92 -1.16 0.97 25.48
N VAL B 93 -2.46 0.85 25.24
CA VAL B 93 -3.13 -0.43 25.28
C VAL B 93 -3.21 -1.12 23.93
N CYS B 94 -2.82 -2.38 23.91
CA CYS B 94 -2.84 -3.16 22.69
C CYS B 94 -4.22 -3.15 22.06
N GLY B 95 -4.25 -2.87 20.76
CA GLY B 95 -5.51 -2.88 20.03
C GLY B 95 -6.25 -1.56 20.00
N THR B 96 -5.80 -0.56 20.77
CA THR B 96 -6.48 0.72 20.80
C THR B 96 -5.86 1.74 19.85
N TRP B 97 -6.62 2.77 19.53
CA TRP B 97 -6.15 3.83 18.64
C TRP B 97 -6.85 5.10 19.09
N PRO B 98 -6.30 5.75 20.12
CA PRO B 98 -6.89 6.99 20.62
C PRO B 98 -6.45 8.18 19.83
N ALA B 99 -7.26 9.23 19.83
CA ALA B 99 -6.90 10.46 19.16
C ALA B 99 -7.64 11.69 19.67
N PHE B 100 -6.89 12.78 19.86
CA PHE B 100 -7.49 14.07 20.18
C PHE B 100 -7.01 14.81 18.93
N TRP B 101 -7.93 15.32 18.13
CA TRP B 101 -7.52 15.95 16.89
C TRP B 101 -8.56 16.91 16.39
N THR B 102 -8.25 17.55 15.27
CA THR B 102 -9.19 18.50 14.68
C THR B 102 -9.42 18.11 13.23
N LEU B 103 -10.59 18.45 12.73
CA LEU B 103 -10.97 18.12 11.38
C LEU B 103 -11.60 19.33 10.74
N GLY B 104 -11.14 19.69 9.54
CA GLY B 104 -11.68 20.84 8.86
C GLY B 104 -13.10 20.58 8.37
N THR B 105 -13.84 21.66 8.12
CA THR B 105 -15.20 21.57 7.64
C THR B 105 -15.19 21.31 6.13
N GLY B 106 -16.30 20.79 5.63
CA GLY B 106 -16.38 20.52 4.21
C GLY B 106 -15.94 19.12 3.85
N ASP B 107 -15.79 18.87 2.56
CA ASP B 107 -15.39 17.57 2.07
C ASP B 107 -13.92 17.24 2.35
N TRP B 108 -13.66 16.02 2.80
CA TRP B 108 -12.32 15.55 3.08
C TRP B 108 -11.60 15.35 1.74
N PRO B 109 -10.28 15.67 1.68
CA PRO B 109 -9.41 16.20 2.74
C PRO B 109 -9.15 17.70 2.61
N TYR B 110 -9.94 18.37 1.78
CA TYR B 110 -9.76 19.79 1.52
C TYR B 110 -9.82 20.71 2.73
N GLY B 111 -10.45 20.28 3.81
CA GLY B 111 -10.52 21.12 4.99
C GLY B 111 -9.30 20.97 5.88
N GLY B 112 -8.53 19.90 5.64
CA GLY B 112 -7.34 19.62 6.42
C GLY B 112 -7.74 18.92 7.72
N ALA B 113 -6.77 18.34 8.42
CA ALA B 113 -7.01 17.68 9.71
C ALA B 113 -5.69 17.72 10.47
N ILE B 114 -5.79 17.83 11.79
CA ILE B 114 -4.63 17.90 12.65
C ILE B 114 -4.69 16.87 13.78
N ASP B 115 -3.76 15.93 13.80
CA ASP B 115 -3.72 14.98 14.89
C ASP B 115 -2.77 15.54 15.96
N ILE B 116 -3.34 16.00 17.08
CA ILE B 116 -2.58 16.57 18.18
C ILE B 116 -2.03 15.46 19.07
N ILE B 117 -2.90 14.55 19.49
CA ILE B 117 -2.47 13.41 20.31
C ILE B 117 -2.99 12.17 19.60
N GLU B 118 -2.10 11.29 19.21
CA GLU B 118 -2.54 10.09 18.50
C GLU B 118 -1.51 8.98 18.51
N GLY B 119 -1.98 7.74 18.59
CA GLY B 119 -1.08 6.60 18.58
C GLY B 119 -1.90 5.34 18.50
N VAL B 120 -1.23 4.19 18.48
CA VAL B 120 -1.94 2.93 18.44
C VAL B 120 -1.23 1.91 19.30
N ASN B 121 -1.97 0.88 19.65
CA ASN B 121 -1.46 -0.23 20.41
C ASN B 121 -0.50 0.15 21.53
N ASP B 122 0.71 -0.40 21.54
CA ASP B 122 1.63 -0.09 22.62
C ASP B 122 2.64 1.02 22.34
N ASN B 123 2.28 1.94 21.47
CA ASN B 123 3.17 3.07 21.17
C ASN B 123 3.61 3.75 22.45
N THR B 124 4.79 4.35 22.39
CA THR B 124 5.39 5.04 23.53
C THR B 124 5.40 6.55 23.32
N PHE B 125 5.64 6.97 22.09
CA PHE B 125 5.75 8.39 21.79
C PHE B 125 4.56 8.95 21.03
N ASN B 126 4.22 10.20 21.31
CA ASN B 126 3.10 10.82 20.61
C ASN B 126 3.46 11.02 19.15
N HIS B 127 2.46 10.95 18.29
CA HIS B 127 2.64 11.14 16.87
C HIS B 127 1.74 12.34 16.48
N MET B 128 2.36 13.43 16.03
CA MET B 128 1.64 14.62 15.62
C MET B 128 1.66 14.69 14.10
N VAL B 129 0.48 14.70 13.50
CA VAL B 129 0.34 14.65 12.05
C VAL B 129 -0.68 15.58 11.42
N LEU B 130 -0.43 16.01 10.20
CA LEU B 130 -1.38 16.84 9.47
C LEU B 130 -1.80 16.03 8.26
N HIS B 131 -3.03 16.23 7.81
CA HIS B 131 -3.56 15.54 6.64
C HIS B 131 -4.16 16.63 5.79
N THR B 132 -3.80 16.65 4.52
CA THR B 132 -4.28 17.67 3.59
C THR B 132 -4.44 17.17 2.17
N SER B 133 -4.90 18.06 1.32
CA SER B 133 -5.04 17.78 -0.09
C SER B 133 -3.62 17.93 -0.65
N ASP B 134 -3.44 17.68 -1.94
CA ASP B 134 -2.11 17.76 -2.53
C ASP B 134 -1.51 19.17 -2.52
N GLY B 135 -0.18 19.23 -2.44
CA GLY B 135 0.49 20.51 -2.42
C GLY B 135 0.82 21.03 -1.03
N CYS B 136 1.20 20.15 -0.12
CA CYS B 136 1.53 20.57 1.23
C CYS B 136 2.62 19.72 1.87
N THR B 137 3.81 20.30 1.97
CA THR B 137 4.97 19.64 2.57
C THR B 137 5.52 20.57 3.64
N ILE B 138 6.17 20.00 4.65
CA ILE B 138 6.68 20.79 5.76
C ILE B 138 8.20 20.88 5.83
N ASP B 139 8.70 21.96 6.44
CA ASP B 139 10.14 22.12 6.58
C ASP B 139 10.58 21.15 7.67
N ASN B 140 11.88 20.98 7.83
CA ASN B 140 12.38 20.05 8.82
C ASN B 140 13.00 20.67 10.08
N ASP B 141 12.66 21.91 10.40
CA ASP B 141 13.22 22.54 11.58
C ASP B 141 12.22 23.34 12.43
N GLY B 142 12.68 23.78 13.59
CA GLY B 142 11.86 24.56 14.49
C GLY B 142 11.09 23.74 15.52
N PHE B 143 11.37 22.45 15.61
CA PHE B 143 10.68 21.59 16.57
C PHE B 143 11.60 20.58 17.22
N THR B 144 11.22 20.07 18.39
CA THR B 144 12.04 19.12 19.12
C THR B 144 11.85 17.67 18.72
N GLY B 145 10.67 17.35 18.19
CA GLY B 145 10.41 15.98 17.79
C GLY B 145 11.17 15.59 16.53
N ASN B 146 11.08 14.33 16.14
CA ASN B 146 11.75 13.87 14.93
C ASN B 146 10.75 13.68 13.81
N LEU B 147 11.03 14.31 12.68
CA LEU B 147 10.13 14.21 11.54
C LEU B 147 10.12 12.79 10.99
N LYS B 148 8.95 12.32 10.56
CA LYS B 148 8.84 10.98 10.00
C LYS B 148 8.49 11.05 8.52
N THR B 149 7.53 11.91 8.17
CA THR B 149 7.13 12.08 6.78
C THR B 149 6.95 13.57 6.56
N SER B 150 7.31 14.04 5.37
CA SER B 150 7.25 15.46 5.03
C SER B 150 6.05 15.91 4.22
N ASN B 151 5.40 14.98 3.54
CA ASN B 151 4.26 15.30 2.70
C ASN B 151 2.93 15.07 3.45
N CYS B 152 2.17 16.13 3.66
CA CYS B 152 0.88 16.05 4.37
C CYS B 152 -0.24 15.54 3.50
N TYR B 153 -0.04 15.52 2.18
CA TYR B 153 -1.07 15.05 1.27
C TYR B 153 -1.45 13.62 1.64
N VAL B 154 -2.75 13.39 1.82
CA VAL B 154 -3.27 12.08 2.19
C VAL B 154 -2.87 10.96 1.23
N TYR B 155 -2.63 11.30 -0.03
CA TYR B 155 -2.23 10.28 -1.00
C TYR B 155 -0.80 10.47 -1.51
N ALA B 156 0.01 11.19 -0.73
CA ALA B 156 1.40 11.44 -1.09
C ALA B 156 2.05 10.13 -1.56
N PRO B 157 2.66 10.15 -2.75
CA PRO B 157 3.33 9.02 -3.40
C PRO B 157 4.21 8.09 -2.57
N GLY B 158 5.25 8.64 -1.96
CA GLY B 158 6.17 7.79 -1.22
C GLY B 158 5.76 7.18 0.11
N GLN B 159 4.76 7.78 0.76
CA GLN B 159 4.31 7.32 2.07
C GLN B 159 3.11 6.40 2.08
N ASP B 160 2.86 5.77 3.23
CA ASP B 160 1.72 4.88 3.40
C ASP B 160 0.46 5.68 3.10
N ALA B 161 -0.66 4.97 2.89
CA ALA B 161 -1.93 5.61 2.60
C ALA B 161 -2.41 6.48 3.77
N ASN B 162 -2.57 7.78 3.51
CA ASN B 162 -3.01 8.75 4.51
C ASN B 162 -2.08 8.80 5.70
N ALA B 163 -0.79 8.67 5.45
CA ALA B 163 0.19 8.74 6.51
C ALA B 163 0.30 10.21 6.93
N GLY B 164 0.07 11.11 5.97
CA GLY B 164 0.15 12.52 6.26
C GLY B 164 1.57 12.89 6.65
N CYS B 165 1.79 14.13 7.08
CA CYS B 165 3.13 14.55 7.49
C CYS B 165 3.22 14.46 9.01
N GLY B 166 3.92 13.44 9.50
CA GLY B 166 4.02 13.27 10.95
C GLY B 166 5.36 13.54 11.59
N ILE B 167 5.30 13.96 12.85
CA ILE B 167 6.48 14.23 13.66
C ILE B 167 6.29 13.49 14.98
N GLU B 168 7.28 12.70 15.35
CA GLU B 168 7.24 11.90 16.56
C GLU B 168 7.89 12.61 17.74
N ALA B 169 7.19 12.64 18.86
CA ALA B 169 7.71 13.28 20.07
C ALA B 169 8.91 12.47 20.54
N THR B 170 9.82 13.10 21.26
CA THR B 170 10.98 12.37 21.76
C THR B 170 10.79 12.03 23.23
N ASP B 171 9.83 12.66 23.87
CA ASP B 171 9.55 12.40 25.28
C ASP B 171 8.64 11.17 25.43
N PRO B 172 9.14 10.09 26.06
CA PRO B 172 8.30 8.90 26.23
C PRO B 172 7.06 9.16 27.11
N ASN B 173 6.98 10.33 27.75
CA ASN B 173 5.81 10.66 28.57
C ASN B 173 4.85 11.52 27.78
N SER B 174 5.07 11.59 26.47
CA SER B 174 4.23 12.38 25.59
C SER B 174 2.96 11.61 25.19
N TYR B 175 2.90 10.34 25.53
CA TYR B 175 1.76 9.54 25.13
C TYR B 175 1.50 8.34 26.02
N GLY B 176 0.23 7.94 26.05
CA GLY B 176 -0.19 6.77 26.79
C GLY B 176 0.37 6.49 28.17
N LYS B 177 0.91 5.29 28.32
CA LYS B 177 1.41 4.85 29.61
C LYS B 177 2.32 5.83 30.36
N GLY B 178 3.33 6.37 29.67
CA GLY B 178 4.24 7.29 30.33
C GLY B 178 3.53 8.59 30.67
N PHE B 179 2.74 9.10 29.74
CA PHE B 179 1.99 10.33 29.95
C PHE B 179 1.12 10.18 31.21
N ASN B 180 0.45 9.05 31.35
CA ASN B 180 -0.38 8.85 32.52
C ASN B 180 0.40 8.66 33.81
N SER B 181 1.57 8.04 33.73
CA SER B 181 2.37 7.80 34.92
C SER B 181 2.81 9.10 35.58
N ILE B 182 2.92 10.18 34.81
CA ILE B 182 3.33 11.45 35.42
C ILE B 182 2.18 12.39 35.67
N GLY B 183 0.95 11.89 35.63
CA GLY B 183 -0.19 12.77 35.84
C GLY B 183 -0.51 13.61 34.62
N GLY B 184 -0.07 13.12 33.46
CA GLY B 184 -0.37 13.81 32.22
C GLY B 184 0.37 15.09 31.93
N GLY B 185 -0.36 16.04 31.38
CA GLY B 185 0.27 17.30 31.05
C GLY B 185 -0.62 18.11 30.12
N ILE B 186 0.00 19.05 29.44
CA ILE B 186 -0.73 19.94 28.56
C ILE B 186 -0.27 19.91 27.13
N TYR B 187 -1.24 19.91 26.21
CA TYR B 187 -0.92 19.96 24.80
C TYR B 187 -1.53 21.24 24.30
N ALA B 188 -0.69 22.11 23.73
CA ALA B 188 -1.17 23.38 23.20
C ALA B 188 -0.98 23.32 21.68
N THR B 189 -2.01 23.70 20.94
CA THR B 189 -1.92 23.68 19.47
C THR B 189 -2.32 25.02 18.88
N GLU B 190 -1.40 25.63 18.11
CA GLU B 190 -1.65 26.92 17.48
C GLU B 190 -1.80 26.78 15.97
N ILE B 191 -2.85 27.38 15.44
CA ILE B 191 -3.12 27.34 14.02
C ILE B 191 -3.11 28.78 13.51
N THR B 192 -2.22 29.07 12.57
CA THR B 192 -2.08 30.41 12.02
C THR B 192 -2.02 30.32 10.51
N PRO B 193 -2.11 31.47 9.82
CA PRO B 193 -2.05 31.43 8.35
C PRO B 193 -0.66 31.02 7.85
N ASN B 194 0.30 30.97 8.77
CA ASN B 194 1.67 30.60 8.41
C ASN B 194 2.15 29.29 8.99
N GLY B 195 1.24 28.46 9.50
CA GLY B 195 1.66 27.19 10.04
C GLY B 195 0.97 26.73 11.30
N ILE B 196 1.32 25.53 11.74
CA ILE B 196 0.74 24.92 12.93
C ILE B 196 1.84 24.46 13.85
N SER B 197 1.68 24.76 15.14
CA SER B 197 2.66 24.36 16.13
C SER B 197 1.99 23.63 17.27
N ILE B 198 2.64 22.59 17.77
CA ILE B 198 2.10 21.82 18.88
C ILE B 198 3.15 21.72 19.96
N TRP B 199 2.77 22.15 21.16
CA TRP B 199 3.65 22.10 22.32
C TRP B 199 3.16 21.05 23.30
N PHE B 200 4.08 20.28 23.86
CA PHE B 200 3.72 19.30 24.87
C PHE B 200 4.48 19.64 26.14
N PHE B 201 3.74 19.96 27.19
CA PHE B 201 4.34 20.33 28.47
C PHE B 201 4.00 19.25 29.49
N PRO B 202 4.98 18.41 29.85
CA PRO B 202 4.65 17.37 30.84
C PRO B 202 4.23 18.03 32.15
N ARG B 203 3.38 17.35 32.90
CA ARG B 203 2.84 17.88 34.15
C ARG B 203 3.85 18.69 34.94
N GLY B 204 3.48 19.92 35.27
CA GLY B 204 4.35 20.77 36.05
C GLY B 204 5.30 21.68 35.31
N SER B 205 5.67 21.32 34.08
CA SER B 205 6.61 22.11 33.29
C SER B 205 5.98 23.14 32.36
N GLU B 206 4.67 23.36 32.48
CA GLU B 206 4.03 24.31 31.58
C GLU B 206 4.30 25.76 31.93
N PRO B 207 4.19 26.67 30.94
CA PRO B 207 4.42 28.10 31.12
C PRO B 207 3.32 28.62 32.05
N GLY B 208 3.60 29.71 32.75
CA GLY B 208 2.63 30.24 33.68
C GLY B 208 1.38 30.82 33.06
N ASP B 209 1.39 31.03 31.74
CA ASP B 209 0.25 31.63 31.06
C ASP B 209 -0.54 30.69 30.16
N VAL B 210 -0.21 29.41 30.16
CA VAL B 210 -0.90 28.50 29.25
C VAL B 210 -2.37 28.26 29.58
N LEU B 211 -2.71 28.29 30.87
CA LEU B 211 -4.10 28.06 31.29
C LEU B 211 -4.84 29.37 31.59
N GLY B 212 -4.16 30.49 31.35
CA GLY B 212 -4.75 31.79 31.64
C GLY B 212 -5.63 32.45 30.59
N ASP B 213 -5.83 33.76 30.76
CA ASP B 213 -6.67 34.53 29.85
C ASP B 213 -5.93 35.10 28.65
N ASN B 214 -4.60 35.04 28.66
CA ASN B 214 -3.85 35.61 27.55
C ASN B 214 -2.59 34.82 27.24
N PRO B 215 -2.74 33.53 26.92
CA PRO B 215 -1.53 32.76 26.62
C PRO B 215 -0.76 33.47 25.49
N ASN B 216 0.57 33.34 25.51
CA ASN B 216 1.39 33.95 24.47
C ASN B 216 2.46 32.96 24.01
N PRO B 217 2.13 32.13 23.00
CA PRO B 217 3.00 31.10 22.41
C PRO B 217 4.38 31.63 22.03
N ALA B 218 4.43 32.90 21.66
CA ALA B 218 5.68 33.54 21.25
C ALA B 218 6.82 33.36 22.24
N ASN B 219 6.48 33.26 23.53
CA ASN B 219 7.53 33.12 24.54
C ASN B 219 7.70 31.72 25.11
N TRP B 220 7.08 30.74 24.48
CA TRP B 220 7.20 29.37 24.96
C TRP B 220 8.44 28.70 24.41
N ASP B 221 8.85 27.61 25.06
CA ASP B 221 10.00 26.84 24.59
C ASP B 221 9.64 26.28 23.21
N THR B 222 10.64 25.71 22.55
CA THR B 222 10.45 25.13 21.23
C THR B 222 9.34 24.09 21.21
N PRO B 223 8.47 24.12 20.19
CA PRO B 223 7.38 23.14 20.11
C PRO B 223 7.87 21.72 19.79
N ALA B 224 7.07 20.73 20.17
CA ALA B 224 7.43 19.34 19.91
C ALA B 224 7.29 19.11 18.41
N ALA B 225 6.35 19.83 17.82
CA ALA B 225 6.12 19.71 16.39
C ALA B 225 5.76 21.07 15.83
N LYS B 226 6.20 21.31 14.60
CA LYS B 226 5.90 22.57 13.94
C LYS B 226 5.78 22.23 12.46
N PHE B 227 4.72 22.68 11.85
CA PHE B 227 4.49 22.42 10.44
C PHE B 227 4.40 23.76 9.73
N ALA B 228 5.45 24.10 8.99
CA ALA B 228 5.47 25.36 8.27
C ALA B 228 6.40 25.23 7.07
N GLY B 229 6.51 26.31 6.31
CA GLY B 229 7.37 26.29 5.14
C GLY B 229 6.65 26.69 3.87
N GLY B 230 7.41 27.14 2.88
CA GLY B 230 6.82 27.56 1.63
C GLY B 230 6.29 26.39 0.83
N GLY B 231 6.47 25.18 1.35
CA GLY B 231 5.99 24.00 0.66
C GLY B 231 4.52 23.74 0.90
N CYS B 232 3.79 24.73 1.41
CA CYS B 232 2.37 24.56 1.68
C CYS B 232 1.66 25.88 1.85
N ASP B 233 0.43 25.96 1.33
CA ASP B 233 -0.40 27.17 1.47
C ASP B 233 -1.17 26.94 2.77
N TRP B 234 -0.53 27.25 3.89
CA TRP B 234 -1.11 27.05 5.20
C TRP B 234 -2.52 27.58 5.41
N GLU B 235 -2.80 28.76 4.87
CA GLU B 235 -4.13 29.33 5.01
C GLU B 235 -5.16 28.57 4.18
N GLY B 236 -4.78 28.21 2.96
CA GLY B 236 -5.71 27.52 2.08
C GLY B 236 -5.97 26.04 2.35
N LYS B 237 -4.99 25.34 2.89
CA LYS B 237 -5.15 23.92 3.15
C LYS B 237 -5.95 23.58 4.42
N PHE B 238 -6.26 24.59 5.22
CA PHE B 238 -7.04 24.35 6.43
C PHE B 238 -8.15 25.38 6.60
N ASN B 239 -9.38 24.89 6.78
CA ASN B 239 -10.47 25.81 7.05
C ASN B 239 -10.88 25.61 8.53
N ALA B 240 -12.03 26.12 8.92
CA ALA B 240 -12.46 26.01 10.31
C ALA B 240 -12.35 24.57 10.82
N GLN B 241 -11.67 24.37 11.94
CA GLN B 241 -11.48 23.03 12.50
C GLN B 241 -12.40 22.73 13.68
N ARG B 242 -12.92 21.50 13.76
CA ARG B 242 -13.73 21.15 14.92
C ARG B 242 -12.87 20.19 15.73
N LEU B 243 -13.04 20.20 17.05
CA LEU B 243 -12.23 19.36 17.92
C LEU B 243 -12.81 17.97 18.02
N ILE B 244 -11.95 16.96 18.06
CA ILE B 244 -12.46 15.61 18.15
C ILE B 244 -11.73 14.74 19.16
N PHE B 245 -12.53 13.99 19.94
CA PHE B 245 -12.00 13.03 20.91
C PHE B 245 -12.54 11.66 20.49
N ASP B 246 -11.68 10.66 20.40
CA ASP B 246 -12.15 9.33 20.10
C ASP B 246 -11.13 8.28 20.52
N VAL B 247 -11.60 7.06 20.55
CA VAL B 247 -10.76 5.91 20.81
C VAL B 247 -11.42 4.82 19.96
N THR B 248 -10.72 4.41 18.91
CA THR B 248 -11.25 3.33 18.10
C THR B 248 -10.35 2.13 18.37
N PHE B 249 -10.67 0.98 17.78
CA PHE B 249 -9.92 -0.24 17.98
C PHE B 249 -9.56 -0.89 16.63
N CYS B 250 -8.36 -1.47 16.55
CA CYS B 250 -7.91 -2.14 15.33
C CYS B 250 -8.03 -1.19 14.15
N GLY B 251 -8.73 -1.60 13.11
CA GLY B 251 -8.90 -0.71 11.98
C GLY B 251 -7.70 -0.50 11.07
N ASP B 252 -7.80 0.50 10.20
CA ASP B 252 -6.77 0.79 9.21
C ASP B 252 -5.35 0.90 9.73
N TRP B 253 -5.17 1.43 10.93
CA TRP B 253 -3.82 1.55 11.46
C TRP B 253 -3.57 0.47 12.51
N ALA B 254 -4.12 0.64 13.71
CA ALA B 254 -3.92 -0.33 14.79
C ALA B 254 -4.15 -1.78 14.38
N GLY B 255 -5.19 -1.99 13.57
CA GLY B 255 -5.51 -3.35 13.15
C GLY B 255 -4.49 -3.91 12.18
N ASN B 256 -3.99 -3.08 11.28
CA ASN B 256 -3.02 -3.52 10.30
C ASN B 256 -1.64 -3.80 10.87
N VAL B 257 -1.20 -3.03 11.86
CA VAL B 257 0.13 -3.26 12.44
C VAL B 257 0.14 -4.23 13.62
N TRP B 258 -1.04 -4.71 14.00
CA TRP B 258 -1.15 -5.64 15.11
C TRP B 258 -0.17 -6.82 15.03
N GLY B 259 -0.19 -7.51 13.90
CA GLY B 259 0.65 -8.69 13.72
C GLY B 259 2.14 -8.48 13.54
N ILE B 260 2.59 -7.22 13.53
CA ILE B 260 4.01 -7.00 13.35
C ILE B 260 4.69 -6.35 14.54
N GLY B 261 3.89 -5.83 15.47
CA GLY B 261 4.44 -5.18 16.66
C GLY B 261 4.47 -5.98 17.95
N GLY B 262 4.67 -5.27 19.05
CA GLY B 262 4.76 -5.88 20.37
C GLY B 262 3.47 -6.46 20.93
N CYS B 263 2.36 -6.30 20.21
CA CYS B 263 1.07 -6.82 20.64
C CYS B 263 0.74 -8.12 19.91
N ALA B 264 1.50 -8.40 18.85
CA ALA B 264 1.30 -9.58 18.02
C ALA B 264 1.04 -10.89 18.77
N SER B 265 1.75 -11.11 19.87
CA SER B 265 1.58 -12.34 20.63
C SER B 265 0.33 -12.41 21.50
N ARG B 266 -0.34 -11.29 21.72
CA ARG B 266 -1.51 -11.29 22.60
C ARG B 266 -2.69 -12.08 22.04
N ALA B 267 -2.73 -12.20 20.72
CA ALA B 267 -3.79 -12.93 20.04
C ALA B 267 -3.49 -12.98 18.54
N ALA B 268 -4.13 -13.92 17.84
CA ALA B 268 -3.92 -14.07 16.41
C ALA B 268 -4.21 -12.76 15.68
N ASN B 269 -5.37 -12.17 15.98
CA ASN B 269 -5.83 -10.93 15.37
C ASN B 269 -6.14 -9.86 16.43
N CYS B 270 -6.13 -8.61 16.00
CA CYS B 270 -6.46 -7.49 16.85
C CYS B 270 -7.93 -7.60 17.30
N VAL B 271 -8.81 -7.99 16.38
CA VAL B 271 -10.22 -8.09 16.70
C VAL B 271 -10.49 -9.11 17.79
N ASP B 272 -9.85 -10.28 17.69
CA ASP B 272 -10.02 -11.34 18.69
C ASP B 272 -9.61 -10.81 20.06
N PHE B 273 -8.49 -10.11 20.09
CA PHE B 273 -8.02 -9.56 21.35
C PHE B 273 -9.02 -8.59 21.94
N VAL B 274 -9.42 -7.60 21.14
CA VAL B 274 -10.35 -6.57 21.61
C VAL B 274 -11.70 -7.15 21.99
N ARG B 275 -12.15 -8.15 21.26
CA ARG B 275 -13.45 -8.73 21.56
C ARG B 275 -13.46 -9.49 22.89
N ASP B 276 -12.46 -10.34 23.08
CA ASP B 276 -12.39 -11.22 24.25
C ASP B 276 -11.68 -10.79 25.51
N ASN B 277 -11.04 -9.62 25.52
CA ASN B 277 -10.30 -9.18 26.70
C ASN B 277 -10.74 -7.80 27.16
N PRO B 278 -12.01 -7.64 27.55
CA PRO B 278 -12.48 -6.32 28.01
C PRO B 278 -11.59 -5.66 29.06
N SER B 279 -11.08 -6.44 30.02
CA SER B 279 -10.28 -5.85 31.09
C SER B 279 -9.02 -5.15 30.66
N ALA B 280 -8.54 -5.45 29.45
CA ALA B 280 -7.32 -4.82 28.96
C ALA B 280 -7.46 -3.33 28.72
N PHE B 281 -8.70 -2.85 28.57
CA PHE B 281 -8.94 -1.46 28.24
C PHE B 281 -9.29 -0.45 29.34
N ALA B 282 -9.10 -0.84 30.59
CA ALA B 282 -9.39 0.07 31.69
C ALA B 282 -8.67 1.42 31.54
N GLU B 283 -7.44 1.37 31.05
CA GLU B 283 -6.64 2.58 30.89
C GLU B 283 -6.99 3.44 29.68
N SER B 284 -7.91 2.99 28.83
CA SER B 284 -8.23 3.74 27.64
C SER B 284 -9.25 4.85 27.84
N TYR B 285 -8.88 5.87 28.61
CA TYR B 285 -9.79 6.98 28.86
C TYR B 285 -9.10 8.34 28.94
N TRP B 286 -9.85 9.37 28.56
CA TRP B 286 -9.36 10.74 28.63
C TRP B 286 -9.88 11.25 29.97
N LEU B 287 -9.10 12.09 30.63
CA LEU B 287 -9.55 12.70 31.87
C LEU B 287 -9.10 14.14 31.69
N VAL B 288 -10.06 15.00 31.36
CA VAL B 288 -9.79 16.40 31.07
C VAL B 288 -9.89 17.38 32.24
N ASN B 289 -8.79 18.10 32.47
CA ASN B 289 -8.75 19.13 33.51
C ASN B 289 -9.39 20.38 32.90
N SER B 290 -9.00 20.72 31.68
CA SER B 290 -9.59 21.88 30.99
C SER B 290 -9.32 21.81 29.51
N LEU B 291 -10.21 22.44 28.75
CA LEU B 291 -10.06 22.52 27.30
C LEU B 291 -10.51 23.94 26.99
N ARG B 292 -9.59 24.78 26.52
CA ARG B 292 -9.93 26.16 26.23
C ARG B 292 -9.38 26.55 24.87
N VAL B 293 -10.19 27.26 24.09
CA VAL B 293 -9.77 27.70 22.80
C VAL B 293 -9.68 29.23 22.80
N TYR B 294 -8.62 29.73 22.21
CA TYR B 294 -8.37 31.16 22.15
C TYR B 294 -8.22 31.62 20.71
N ALA B 295 -8.43 32.92 20.50
CA ALA B 295 -8.28 33.48 19.16
C ALA B 295 -7.38 34.71 19.26
N PRO B 296 -6.65 35.01 18.18
CA PRO B 296 -5.76 36.17 18.19
C PRO B 296 -6.54 37.48 18.14
N TYR C 1 -15.02 3.15 -31.92
CA TYR C 1 -15.04 2.44 -30.60
C TYR C 1 -14.65 0.97 -30.67
N HIS C 2 -13.83 0.55 -29.71
CA HIS C 2 -13.42 -0.85 -29.63
C HIS C 2 -13.65 -1.30 -28.19
N LEU C 3 -13.90 -2.59 -27.99
CA LEU C 3 -14.15 -3.13 -26.67
C LEU C 3 -12.91 -3.03 -25.80
N VAL C 4 -13.08 -2.69 -24.53
CA VAL C 4 -11.96 -2.65 -23.61
C VAL C 4 -12.25 -3.54 -22.39
N ASP C 5 -13.53 -3.91 -22.21
CA ASP C 5 -13.94 -4.78 -21.11
C ASP C 5 -15.35 -5.35 -21.25
N ASP C 6 -15.45 -6.67 -21.35
CA ASP C 6 -16.75 -7.33 -21.36
C ASP C 6 -16.72 -7.89 -19.93
N TYR C 7 -17.62 -7.42 -19.08
CA TYR C 7 -17.64 -7.84 -17.69
C TYR C 7 -18.10 -9.27 -17.43
N GLY C 8 -18.49 -9.97 -18.48
CA GLY C 8 -18.94 -11.35 -18.32
C GLY C 8 -20.17 -11.53 -17.46
N ARG C 9 -20.18 -12.58 -16.65
CA ARG C 9 -21.34 -12.86 -15.82
C ARG C 9 -20.97 -13.61 -14.54
N GLY C 10 -21.88 -13.62 -13.59
CA GLY C 10 -21.66 -14.33 -12.34
C GLY C 10 -20.42 -13.93 -11.58
N ASN C 11 -19.70 -14.93 -11.07
CA ASN C 11 -18.49 -14.68 -10.30
C ASN C 11 -17.38 -13.99 -11.08
N GLY C 12 -17.33 -14.22 -12.38
CA GLY C 12 -16.31 -13.58 -13.19
C GLY C 12 -16.60 -12.10 -13.17
N PHE C 13 -17.88 -11.78 -13.25
CA PHE C 13 -18.38 -10.41 -13.24
C PHE C 13 -18.12 -9.80 -11.86
N PHE C 14 -18.46 -10.52 -10.81
CA PHE C 14 -18.25 -10.00 -9.45
C PHE C 14 -16.79 -9.79 -9.13
N ASP C 15 -15.93 -10.62 -9.70
CA ASP C 15 -14.47 -10.50 -9.48
C ASP C 15 -13.97 -9.16 -9.97
N LYS C 16 -14.74 -8.52 -10.84
CA LYS C 16 -14.36 -7.22 -11.41
C LYS C 16 -14.76 -6.01 -10.59
N PHE C 17 -15.35 -6.24 -9.42
CA PHE C 17 -15.80 -5.18 -8.54
C PHE C 17 -15.38 -5.38 -7.11
N ASN C 18 -15.28 -4.28 -6.38
CA ASN C 18 -14.98 -4.29 -4.96
C ASN C 18 -16.35 -4.06 -4.32
N PHE C 19 -16.66 -4.76 -3.24
CA PHE C 19 -17.92 -4.55 -2.56
C PHE C 19 -17.78 -3.52 -1.44
N PHE C 20 -18.48 -2.41 -1.58
CA PHE C 20 -18.46 -1.33 -0.61
C PHE C 20 -19.26 -1.75 0.63
N THR C 21 -18.68 -1.65 1.82
CA THR C 21 -19.41 -2.04 3.03
C THR C 21 -19.46 -1.00 4.14
N GLY C 22 -19.06 0.24 3.88
CA GLY C 22 -19.12 1.25 4.91
C GLY C 22 -20.55 1.77 5.02
N ASP C 23 -20.77 2.75 5.89
CA ASP C 23 -22.11 3.32 6.02
C ASP C 23 -22.40 3.98 4.69
N ASP C 24 -23.66 4.05 4.32
CA ASP C 24 -24.03 4.64 3.06
C ASP C 24 -23.72 6.12 3.02
N PRO C 25 -22.94 6.56 2.03
CA PRO C 25 -22.58 7.99 1.91
C PRO C 25 -23.84 8.85 1.79
N THR C 26 -24.94 8.25 1.36
CA THR C 26 -26.18 9.01 1.20
C THR C 26 -27.11 8.84 2.39
N HIS C 27 -26.56 8.29 3.47
CA HIS C 27 -27.29 8.11 4.72
C HIS C 27 -28.57 7.28 4.66
N GLY C 28 -28.65 6.39 3.68
CA GLY C 28 -29.84 5.56 3.57
C GLY C 28 -29.94 4.54 4.68
N TYR C 29 -31.14 3.96 4.82
CA TYR C 29 -31.37 2.93 5.82
C TYR C 29 -30.98 1.63 5.10
N VAL C 30 -29.69 1.48 4.87
CA VAL C 30 -29.19 0.31 4.18
C VAL C 30 -27.98 -0.28 4.89
N ASP C 31 -27.77 -1.56 4.67
CA ASP C 31 -26.63 -2.26 5.25
C ASP C 31 -25.91 -2.95 4.11
N TYR C 32 -24.93 -2.25 3.54
CA TYR C 32 -24.14 -2.80 2.46
C TYR C 32 -23.26 -3.93 2.99
N VAL C 33 -23.50 -5.14 2.49
CA VAL C 33 -22.75 -6.31 2.95
C VAL C 33 -21.69 -6.79 1.97
N SER C 34 -20.75 -7.57 2.48
CA SER C 34 -19.66 -8.12 1.70
C SER C 34 -20.16 -9.09 0.66
N ARG C 35 -19.30 -9.43 -0.29
CA ARG C 35 -19.67 -10.37 -1.33
C ARG C 35 -20.06 -11.72 -0.71
N ASP C 36 -19.26 -12.24 0.22
CA ASP C 36 -19.58 -13.52 0.84
C ASP C 36 -20.92 -13.51 1.57
N VAL C 37 -21.20 -12.43 2.30
CA VAL C 37 -22.47 -12.37 3.01
C VAL C 37 -23.62 -12.22 2.00
N ALA C 38 -23.38 -11.44 0.95
CA ALA C 38 -24.40 -11.24 -0.08
C ALA C 38 -24.76 -12.58 -0.73
N ALA C 39 -23.74 -13.34 -1.11
CA ALA C 39 -23.95 -14.65 -1.74
C ALA C 39 -24.66 -15.61 -0.80
N GLY C 40 -24.36 -15.51 0.49
CA GLY C 40 -25.00 -16.38 1.45
C GLY C 40 -26.45 -16.00 1.71
N ALA C 41 -26.81 -14.77 1.37
CA ALA C 41 -28.16 -14.26 1.57
C ALA C 41 -28.94 -14.21 0.25
N GLY C 42 -28.30 -14.68 -0.82
CA GLY C 42 -28.95 -14.67 -2.13
C GLY C 42 -29.06 -13.28 -2.77
N LEU C 43 -28.27 -12.31 -2.28
CA LEU C 43 -28.32 -10.96 -2.86
C LEU C 43 -27.55 -10.87 -4.19
N ILE C 44 -26.66 -11.83 -4.43
CA ILE C 44 -25.93 -11.85 -5.70
C ILE C 44 -25.84 -13.27 -6.21
N GLY C 45 -25.75 -13.41 -7.53
CA GLY C 45 -25.63 -14.71 -8.13
C GLY C 45 -25.85 -14.63 -9.62
N GLU C 46 -26.04 -15.80 -10.22
CA GLU C 46 -26.27 -15.90 -11.64
C GLU C 46 -27.66 -16.51 -11.81
N ARG C 47 -28.43 -16.00 -12.76
CA ARG C 47 -29.76 -16.52 -13.01
C ARG C 47 -29.86 -16.77 -14.52
N ASP C 48 -29.77 -18.03 -14.92
CA ASP C 48 -29.84 -18.43 -16.31
C ASP C 48 -28.89 -17.58 -17.17
N GLY C 49 -27.65 -17.47 -16.73
CA GLY C 49 -26.69 -16.73 -17.52
C GLY C 49 -26.68 -15.22 -17.35
N ARG C 50 -27.64 -14.67 -16.60
CA ARG C 50 -27.70 -13.22 -16.33
C ARG C 50 -27.13 -13.01 -14.94
N THR C 51 -26.58 -11.83 -14.68
CA THR C 51 -26.00 -11.55 -13.37
C THR C 51 -27.00 -10.80 -12.49
N TYR C 52 -27.25 -11.37 -11.32
CA TYR C 52 -28.21 -10.82 -10.39
C TYR C 52 -27.59 -10.10 -9.20
N MET C 53 -28.17 -8.96 -8.86
CA MET C 53 -27.74 -8.15 -7.71
C MET C 53 -29.01 -7.54 -7.14
N GLY C 54 -29.36 -7.91 -5.92
CA GLY C 54 -30.58 -7.41 -5.32
C GLY C 54 -30.45 -7.14 -3.85
N VAL C 55 -31.58 -7.04 -3.17
CA VAL C 55 -31.60 -6.75 -1.76
C VAL C 55 -32.37 -7.80 -0.98
N ASP C 56 -32.27 -7.71 0.33
CA ASP C 56 -32.94 -8.61 1.24
C ASP C 56 -34.44 -8.28 1.22
N PHE C 57 -35.26 -9.22 0.76
CA PHE C 57 -36.69 -8.95 0.74
C PHE C 57 -37.34 -10.03 1.60
N THR C 58 -36.54 -10.58 2.50
CA THR C 58 -37.01 -11.65 3.36
C THR C 58 -37.12 -11.33 4.86
N ASN C 59 -36.08 -10.72 5.41
CA ASN C 59 -36.09 -10.45 6.83
C ASN C 59 -36.41 -9.03 7.29
N PRO C 60 -37.08 -8.91 8.44
CA PRO C 60 -37.38 -7.57 8.94
C PRO C 60 -35.97 -6.98 9.12
N ALA C 61 -35.78 -5.70 8.83
CA ALA C 61 -34.45 -5.12 8.93
C ALA C 61 -33.99 -4.85 10.35
N SER C 62 -32.67 -4.70 10.51
CA SER C 62 -32.07 -4.40 11.79
C SER C 62 -30.72 -3.72 11.55
N GLY C 63 -30.03 -3.32 12.62
CA GLY C 63 -28.76 -2.65 12.47
C GLY C 63 -28.88 -1.42 11.58
N ARG C 64 -27.90 -1.20 10.72
CA ARG C 64 -27.86 -0.07 9.81
C ARG C 64 -29.06 0.05 8.85
N GLY C 65 -29.67 -1.08 8.50
CA GLY C 65 -30.79 -1.05 7.58
C GLY C 65 -30.98 -2.34 6.81
N ARG C 66 -31.81 -2.30 5.77
CA ARG C 66 -32.07 -3.48 4.95
C ARG C 66 -30.81 -3.83 4.16
N ARG C 67 -30.46 -5.11 4.13
CA ARG C 67 -29.24 -5.52 3.45
C ARG C 67 -29.32 -5.35 1.94
N SER C 68 -28.19 -4.98 1.37
CA SER C 68 -28.08 -4.72 -0.05
C SER C 68 -26.60 -4.75 -0.38
N VAL C 69 -26.29 -4.50 -1.65
CA VAL C 69 -24.91 -4.47 -2.08
C VAL C 69 -24.60 -3.23 -2.90
N ARG C 70 -23.35 -2.81 -2.85
CA ARG C 70 -22.91 -1.68 -3.63
C ARG C 70 -21.57 -2.09 -4.21
N LEU C 71 -21.57 -2.33 -5.53
CA LEU C 71 -20.37 -2.76 -6.22
C LEU C 71 -19.72 -1.59 -6.98
N GLU C 72 -18.41 -1.46 -6.83
CA GLU C 72 -17.64 -0.41 -7.51
C GLU C 72 -16.54 -1.12 -8.30
N SER C 73 -16.53 -0.90 -9.61
CA SER C 73 -15.55 -1.59 -10.46
C SER C 73 -14.11 -1.28 -10.08
N LYS C 74 -13.26 -2.26 -10.34
CA LYS C 74 -11.85 -2.13 -10.06
C LYS C 74 -11.25 -1.27 -11.17
N ASN C 75 -11.77 -1.43 -12.38
CA ASN C 75 -11.28 -0.67 -13.54
C ASN C 75 -11.97 0.70 -13.63
N THR C 76 -11.26 1.68 -14.16
CA THR C 76 -11.81 3.03 -14.32
C THR C 76 -11.60 3.42 -15.79
N TYR C 77 -12.42 4.34 -16.29
CA TYR C 77 -12.33 4.74 -17.68
C TYR C 77 -12.34 6.25 -17.81
N GLU C 78 -11.41 6.79 -18.59
CA GLU C 78 -11.32 8.24 -18.79
C GLU C 78 -12.39 8.69 -19.78
N HIS C 79 -12.39 8.08 -20.96
CA HIS C 79 -13.36 8.38 -21.99
C HIS C 79 -13.85 7.05 -22.51
N GLY C 80 -15.00 7.04 -23.16
CA GLY C 80 -15.50 5.79 -23.70
C GLY C 80 -17.01 5.68 -23.79
N LEU C 81 -17.46 4.46 -24.04
CA LEU C 81 -18.88 4.16 -24.18
C LEU C 81 -19.20 2.97 -23.27
N ILE C 82 -20.07 3.20 -22.29
CA ILE C 82 -20.51 2.20 -21.32
C ILE C 82 -21.88 1.70 -21.71
N VAL C 83 -21.95 0.43 -22.09
CA VAL C 83 -23.23 -0.15 -22.51
C VAL C 83 -23.73 -1.27 -21.60
N ILE C 84 -24.91 -1.07 -21.02
CA ILE C 84 -25.48 -2.10 -20.17
C ILE C 84 -26.83 -2.56 -20.72
N ASP C 85 -26.97 -3.87 -20.85
CA ASP C 85 -28.18 -4.51 -21.35
C ASP C 85 -28.77 -5.19 -20.12
N LEU C 86 -29.91 -4.68 -19.67
CA LEU C 86 -30.56 -5.19 -18.47
C LEU C 86 -31.90 -5.86 -18.74
N ALA C 87 -32.04 -7.08 -18.24
CA ALA C 87 -33.31 -7.81 -18.37
C ALA C 87 -34.25 -7.27 -17.30
N HIS C 88 -33.67 -6.71 -16.24
CA HIS C 88 -34.46 -6.21 -15.13
C HIS C 88 -33.64 -5.22 -14.30
N MET C 89 -34.33 -4.26 -13.66
CA MET C 89 -33.64 -3.28 -12.81
C MET C 89 -34.48 -3.16 -11.55
N PRO C 90 -33.92 -2.58 -10.49
CA PRO C 90 -34.73 -2.46 -9.28
C PRO C 90 -36.07 -1.78 -9.64
N GLY C 91 -37.16 -2.31 -9.09
CA GLY C 91 -38.47 -1.77 -9.38
C GLY C 91 -38.75 -0.39 -8.76
N SER C 92 -39.93 0.14 -9.07
CA SER C 92 -40.35 1.44 -8.58
C SER C 92 -40.90 1.18 -7.21
N VAL C 93 -40.03 0.71 -6.34
CA VAL C 93 -40.41 0.33 -4.99
C VAL C 93 -40.27 1.40 -3.92
N CYS C 94 -41.36 1.59 -3.18
CA CYS C 94 -41.38 2.56 -2.11
C CYS C 94 -40.25 2.36 -1.13
N GLY C 95 -39.51 3.43 -0.86
CA GLY C 95 -38.42 3.38 0.09
C GLY C 95 -37.07 3.11 -0.54
N THR C 96 -37.06 2.71 -1.81
CA THR C 96 -35.80 2.39 -2.48
C THR C 96 -35.18 3.52 -3.28
N TRP C 97 -33.90 3.36 -3.56
CA TRP C 97 -33.12 4.33 -4.29
C TRP C 97 -32.02 3.56 -5.02
N PRO C 98 -32.33 3.00 -6.20
CA PRO C 98 -31.34 2.25 -6.96
C PRO C 98 -30.55 3.17 -7.89
N ALA C 99 -29.37 2.72 -8.27
CA ALA C 99 -28.55 3.51 -9.16
C ALA C 99 -27.45 2.73 -9.85
N PHE C 100 -27.31 2.97 -11.15
CA PHE C 100 -26.24 2.40 -11.94
C PHE C 100 -25.58 3.70 -12.39
N TRP C 101 -24.35 3.93 -11.94
CA TRP C 101 -23.68 5.19 -12.24
C TRP C 101 -22.16 5.05 -12.23
N THR C 102 -21.48 6.18 -12.40
CA THR C 102 -20.03 6.15 -12.39
C THR C 102 -19.52 7.24 -11.45
N LEU C 103 -18.37 6.99 -10.85
CA LEU C 103 -17.78 7.92 -9.91
C LEU C 103 -16.34 8.12 -10.35
N GLY C 104 -15.93 9.38 -10.43
CA GLY C 104 -14.58 9.68 -10.84
C GLY C 104 -13.61 9.39 -9.71
N THR C 105 -12.36 9.12 -10.07
CA THR C 105 -11.34 8.87 -9.06
C THR C 105 -11.07 10.21 -8.36
N GLY C 106 -10.44 10.19 -7.20
CA GLY C 106 -10.19 11.45 -6.52
C GLY C 106 -11.29 11.62 -5.49
N ASP C 107 -11.21 12.68 -4.69
CA ASP C 107 -12.21 12.91 -3.66
C ASP C 107 -13.40 13.77 -4.09
N TRP C 108 -14.58 13.29 -3.75
CA TRP C 108 -15.83 13.98 -4.07
C TRP C 108 -15.79 15.43 -3.56
N PRO C 109 -16.36 16.37 -4.32
CA PRO C 109 -17.04 16.13 -5.61
C PRO C 109 -16.19 16.46 -6.85
N TYR C 110 -14.88 16.58 -6.66
CA TYR C 110 -13.98 16.94 -7.74
C TYR C 110 -13.77 15.92 -8.83
N GLY C 111 -14.09 14.65 -8.55
CA GLY C 111 -13.90 13.65 -9.58
C GLY C 111 -15.05 13.64 -10.57
N GLY C 112 -16.21 14.12 -10.12
CA GLY C 112 -17.38 14.12 -10.97
C GLY C 112 -18.05 12.75 -10.93
N ALA C 113 -19.39 12.72 -11.02
CA ALA C 113 -20.14 11.47 -10.99
C ALA C 113 -21.22 11.54 -12.07
N ILE C 114 -21.50 10.40 -12.69
CA ILE C 114 -22.51 10.31 -13.75
C ILE C 114 -23.56 9.29 -13.35
N ASP C 115 -24.78 9.74 -13.08
CA ASP C 115 -25.85 8.85 -12.70
C ASP C 115 -26.62 8.47 -13.97
N ILE C 116 -26.42 7.23 -14.42
CA ILE C 116 -27.04 6.72 -15.64
C ILE C 116 -28.49 6.25 -15.40
N ILE C 117 -28.68 5.38 -14.42
CA ILE C 117 -30.02 4.89 -14.08
C ILE C 117 -30.20 5.22 -12.60
N GLU C 118 -31.21 6.03 -12.29
CA GLU C 118 -31.43 6.38 -10.90
C GLU C 118 -32.83 6.88 -10.68
N GLY C 119 -33.32 6.66 -9.47
CA GLY C 119 -34.65 7.08 -9.11
C GLY C 119 -34.89 6.70 -7.67
N VAL C 120 -36.06 7.07 -7.16
CA VAL C 120 -36.40 6.75 -5.78
C VAL C 120 -37.87 6.36 -5.67
N ASN C 121 -38.19 5.69 -4.58
CA ASN C 121 -39.55 5.29 -4.27
C ASN C 121 -40.34 4.83 -5.48
N ASP C 122 -41.55 5.38 -5.68
CA ASP C 122 -42.34 4.94 -6.80
C ASP C 122 -42.17 5.73 -8.10
N ASN C 123 -40.99 6.29 -8.31
CA ASN C 123 -40.72 7.02 -9.53
C ASN C 123 -41.07 6.17 -10.76
N THR C 124 -41.38 6.87 -11.86
CA THR C 124 -41.77 6.25 -13.12
C THR C 124 -40.74 6.48 -14.21
N PHE C 125 -40.15 7.67 -14.19
CA PHE C 125 -39.19 8.05 -15.21
C PHE C 125 -37.78 8.08 -14.67
N ASN C 126 -36.85 7.61 -15.49
CA ASN C 126 -35.46 7.59 -15.07
C ASN C 126 -34.92 9.01 -14.95
N HIS C 127 -34.05 9.22 -13.97
CA HIS C 127 -33.40 10.51 -13.75
C HIS C 127 -31.93 10.36 -14.06
N MET C 128 -31.44 11.09 -15.05
CA MET C 128 -30.04 11.02 -15.40
C MET C 128 -29.45 12.31 -14.83
N VAL C 129 -28.47 12.17 -13.94
CA VAL C 129 -27.89 13.31 -13.25
C VAL C 129 -26.37 13.34 -13.17
N LEU C 130 -25.80 14.54 -13.20
CA LEU C 130 -24.35 14.68 -13.06
C LEU C 130 -24.07 15.46 -11.78
N HIS C 131 -22.95 15.14 -11.14
CA HIS C 131 -22.57 15.81 -9.92
C HIS C 131 -21.11 16.19 -10.10
N THR C 132 -20.82 17.49 -10.00
CA THR C 132 -19.47 17.97 -10.19
C THR C 132 -19.12 19.05 -9.16
N SER C 133 -17.93 19.62 -9.32
CA SER C 133 -17.50 20.70 -8.44
C SER C 133 -18.08 21.95 -9.07
N ASP C 134 -17.94 23.09 -8.38
CA ASP C 134 -18.48 24.35 -8.87
C ASP C 134 -17.95 24.74 -10.27
N GLY C 135 -18.81 25.38 -11.07
CA GLY C 135 -18.43 25.80 -12.41
C GLY C 135 -18.81 24.88 -13.56
N CYS C 136 -19.96 24.22 -13.45
CA CYS C 136 -20.41 23.30 -14.51
C CYS C 136 -21.94 23.29 -14.67
N THR C 137 -22.42 23.87 -15.78
CA THR C 137 -23.86 23.93 -16.07
C THR C 137 -24.06 23.40 -17.48
N ILE C 138 -25.25 22.90 -17.78
CA ILE C 138 -25.50 22.34 -19.11
C ILE C 138 -26.49 23.10 -19.97
N ASP C 139 -26.37 22.90 -21.29
CA ASP C 139 -27.27 23.52 -22.25
C ASP C 139 -28.57 22.73 -22.32
N ASN C 140 -29.54 23.24 -23.06
CA ASN C 140 -30.80 22.56 -23.18
C ASN C 140 -31.24 22.28 -24.61
N ASP C 141 -30.64 21.25 -25.18
CA ASP C 141 -30.96 20.80 -26.53
C ASP C 141 -30.12 19.59 -26.85
N GLY C 142 -30.56 18.81 -27.82
CA GLY C 142 -29.83 17.64 -28.21
C GLY C 142 -30.31 16.36 -27.53
N PHE C 143 -31.34 16.47 -26.68
CA PHE C 143 -31.87 15.28 -26.00
C PHE C 143 -33.39 15.23 -25.92
N THR C 144 -33.93 14.02 -25.80
CA THR C 144 -35.37 13.81 -25.73
C THR C 144 -35.96 14.00 -24.34
N GLY C 145 -35.15 13.84 -23.31
CA GLY C 145 -35.68 14.01 -21.97
C GLY C 145 -35.94 15.48 -21.69
N ASN C 146 -36.38 15.77 -20.47
CA ASN C 146 -36.64 17.13 -20.05
C ASN C 146 -35.71 17.57 -18.92
N LEU C 147 -35.09 18.72 -19.10
CA LEU C 147 -34.16 19.28 -18.13
C LEU C 147 -34.89 19.60 -16.83
N LYS C 148 -34.33 19.17 -15.70
CA LYS C 148 -34.95 19.44 -14.41
C LYS C 148 -34.09 20.41 -13.60
N THR C 149 -32.79 20.26 -13.69
CA THR C 149 -31.85 21.15 -13.00
C THR C 149 -30.71 21.38 -13.97
N SER C 150 -30.22 22.62 -14.03
CA SER C 150 -29.18 22.98 -14.96
C SER C 150 -27.76 23.08 -14.38
N ASN C 151 -27.66 23.17 -13.06
CA ASN C 151 -26.35 23.29 -12.41
C ASN C 151 -25.92 21.94 -11.83
N CYS C 152 -24.77 21.45 -12.26
CA CYS C 152 -24.24 20.16 -11.80
C CYS C 152 -23.50 20.25 -10.46
N TYR C 153 -23.25 21.46 -9.98
CA TYR C 153 -22.53 21.65 -8.73
C TYR C 153 -23.30 21.08 -7.54
N VAL C 154 -22.64 20.20 -6.80
CA VAL C 154 -23.27 19.57 -5.65
C VAL C 154 -23.79 20.57 -4.65
N TYR C 155 -23.21 21.77 -4.63
CA TYR C 155 -23.66 22.80 -3.71
C TYR C 155 -24.24 23.99 -4.46
N ALA C 156 -24.60 23.75 -5.71
CA ALA C 156 -25.19 24.79 -6.54
C ALA C 156 -26.37 25.47 -5.84
N PRO C 157 -26.48 26.80 -5.98
CA PRO C 157 -27.55 27.58 -5.37
C PRO C 157 -28.84 27.52 -6.19
N ALA C 161 -30.54 20.26 -2.48
CA ALA C 161 -29.16 20.66 -2.28
C ALA C 161 -28.22 19.98 -3.28
N ASN C 162 -27.71 18.81 -2.91
CA ASN C 162 -26.79 18.00 -3.73
C ASN C 162 -27.53 17.39 -4.94
N ALA C 163 -28.26 18.24 -5.66
CA ALA C 163 -29.06 17.81 -6.81
C ALA C 163 -28.31 17.55 -8.10
N GLY C 164 -27.27 18.32 -8.36
CA GLY C 164 -26.54 18.14 -9.60
C GLY C 164 -27.45 18.52 -10.76
N CYS C 165 -26.99 18.32 -11.98
CA CYS C 165 -27.77 18.64 -13.18
C CYS C 165 -28.49 17.44 -13.76
N GLY C 166 -29.80 17.34 -13.53
CA GLY C 166 -30.54 16.21 -14.05
C GLY C 166 -31.52 16.43 -15.18
N ILE C 167 -31.71 15.36 -15.97
CA ILE C 167 -32.65 15.33 -17.10
C ILE C 167 -33.52 14.11 -16.83
N GLU C 168 -34.82 14.29 -16.93
CA GLU C 168 -35.77 13.21 -16.68
C GLU C 168 -36.27 12.62 -17.99
N ALA C 169 -36.14 11.31 -18.17
CA ALA C 169 -36.59 10.65 -19.38
C ALA C 169 -38.09 10.84 -19.59
N THR C 170 -38.54 10.78 -20.83
CA THR C 170 -39.97 10.97 -21.15
C THR C 170 -40.74 9.64 -21.21
N ASP C 171 -40.00 8.55 -21.40
CA ASP C 171 -40.61 7.20 -21.51
C ASP C 171 -40.86 6.57 -20.14
N PRO C 172 -42.13 6.27 -19.81
CA PRO C 172 -42.42 5.65 -18.51
C PRO C 172 -41.81 4.24 -18.38
N ASN C 173 -41.27 3.70 -19.47
CA ASN C 173 -40.64 2.37 -19.39
C ASN C 173 -39.13 2.49 -19.26
N SER C 174 -38.68 3.70 -18.97
CA SER C 174 -37.26 3.98 -18.83
C SER C 174 -36.75 3.61 -17.44
N TYR C 175 -37.66 3.36 -16.51
CA TYR C 175 -37.25 3.07 -15.14
C TYR C 175 -38.23 2.17 -14.39
N GLY C 176 -37.68 1.44 -13.42
CA GLY C 176 -38.48 0.58 -12.57
C GLY C 176 -39.55 -0.31 -13.17
N LYS C 177 -40.75 -0.24 -12.61
CA LYS C 177 -41.86 -1.08 -13.03
C LYS C 177 -42.07 -1.21 -14.53
N GLY C 178 -42.19 -0.08 -15.22
CA GLY C 178 -42.41 -0.10 -16.66
C GLY C 178 -41.25 -0.72 -17.40
N PHE C 179 -40.03 -0.40 -16.96
CA PHE C 179 -38.83 -0.94 -17.58
C PHE C 179 -38.85 -2.47 -17.44
N ASN C 180 -39.18 -2.96 -16.27
CA ASN C 180 -39.20 -4.40 -16.08
C ASN C 180 -40.35 -5.08 -16.82
N SER C 181 -41.51 -4.42 -16.87
CA SER C 181 -42.66 -4.99 -17.54
C SER C 181 -42.37 -5.27 -19.01
N ILE C 182 -41.46 -4.51 -19.61
CA ILE C 182 -41.14 -4.76 -21.01
C ILE C 182 -39.91 -5.64 -21.24
N GLY C 183 -39.35 -6.20 -20.17
CA GLY C 183 -38.16 -7.02 -20.35
C GLY C 183 -36.90 -6.16 -20.32
N GLY C 184 -37.05 -4.93 -19.83
CA GLY C 184 -35.91 -4.04 -19.71
C GLY C 184 -35.45 -3.41 -21.01
N GLY C 185 -34.13 -3.26 -21.15
CA GLY C 185 -33.58 -2.65 -22.33
C GLY C 185 -32.10 -2.36 -22.19
N ILE C 186 -31.62 -1.42 -23.01
CA ILE C 186 -30.22 -1.06 -23.01
C ILE C 186 -30.00 0.42 -22.74
N TYR C 187 -29.02 0.71 -21.88
CA TYR C 187 -28.63 2.08 -21.55
C TYR C 187 -27.20 2.21 -22.03
N ALA C 188 -26.96 3.16 -22.92
CA ALA C 188 -25.61 3.40 -23.45
C ALA C 188 -25.17 4.80 -23.02
N THR C 189 -23.98 4.89 -22.43
CA THR C 189 -23.46 6.16 -21.94
C THR C 189 -22.10 6.49 -22.53
N GLU C 190 -22.02 7.61 -23.23
CA GLU C 190 -20.78 8.02 -23.87
C GLU C 190 -20.14 9.20 -23.16
N ILE C 191 -18.85 9.05 -22.84
CA ILE C 191 -18.11 10.10 -22.15
C ILE C 191 -17.00 10.57 -23.07
N THR C 192 -17.07 11.84 -23.47
CA THR C 192 -16.08 12.44 -24.33
C THR C 192 -15.59 13.74 -23.69
N PRO C 193 -14.55 14.35 -24.25
CA PRO C 193 -14.06 15.60 -23.65
C PRO C 193 -15.09 16.73 -23.87
N ASN C 194 -15.95 16.54 -24.87
CA ASN C 194 -16.96 17.53 -25.23
C ASN C 194 -18.28 17.37 -24.47
N GLY C 195 -18.44 16.25 -23.78
CA GLY C 195 -19.67 16.07 -23.04
C GLY C 195 -20.07 14.62 -22.80
N ILE C 196 -21.23 14.44 -22.19
CA ILE C 196 -21.76 13.13 -21.85
C ILE C 196 -23.15 12.90 -22.45
N SER C 197 -23.37 11.72 -23.01
CA SER C 197 -24.67 11.39 -23.59
C SER C 197 -25.19 10.05 -23.08
N ILE C 198 -26.50 9.96 -22.89
CA ILE C 198 -27.11 8.74 -22.41
C ILE C 198 -28.32 8.36 -23.29
N TRP C 199 -28.26 7.16 -23.85
CA TRP C 199 -29.33 6.65 -24.69
C TRP C 199 -30.07 5.56 -23.94
N PHE C 200 -31.39 5.56 -24.04
CA PHE C 200 -32.18 4.51 -23.45
C PHE C 200 -32.93 3.82 -24.58
N PHE C 201 -32.64 2.52 -24.77
CA PHE C 201 -33.30 1.73 -25.80
C PHE C 201 -34.19 0.66 -25.17
N PRO C 202 -35.52 0.86 -25.21
CA PRO C 202 -36.45 -0.13 -24.64
C PRO C 202 -36.20 -1.45 -25.38
N ARG C 203 -36.37 -2.57 -24.69
CA ARG C 203 -36.15 -3.89 -25.27
C ARG C 203 -36.57 -4.02 -26.73
N GLY C 204 -35.64 -4.48 -27.56
CA GLY C 204 -35.94 -4.69 -28.97
C GLY C 204 -35.81 -3.50 -29.90
N SER C 205 -35.70 -2.29 -29.36
CA SER C 205 -35.60 -1.10 -30.20
C SER C 205 -34.18 -0.59 -30.34
N GLU C 206 -33.22 -1.29 -29.76
CA GLU C 206 -31.83 -0.84 -29.83
C GLU C 206 -31.21 -0.96 -31.22
N PRO C 207 -30.22 -0.11 -31.52
CA PRO C 207 -29.57 -0.19 -32.83
C PRO C 207 -28.83 -1.51 -32.92
N GLY C 208 -28.70 -2.03 -34.13
CA GLY C 208 -28.05 -3.31 -34.34
C GLY C 208 -26.57 -3.40 -34.01
N ASP C 209 -25.91 -2.28 -33.71
CA ASP C 209 -24.48 -2.31 -33.40
C ASP C 209 -24.18 -2.03 -31.94
N VAL C 210 -25.22 -1.80 -31.14
CA VAL C 210 -25.03 -1.46 -29.74
C VAL C 210 -24.35 -2.54 -28.89
N LEU C 211 -24.55 -3.80 -29.25
CA LEU C 211 -23.95 -4.89 -28.48
C LEU C 211 -22.76 -5.55 -29.18
N GLY C 212 -22.41 -5.05 -30.36
CA GLY C 212 -21.31 -5.62 -31.13
C GLY C 212 -19.90 -5.16 -30.81
N ASP C 213 -19.00 -5.37 -31.77
CA ASP C 213 -17.60 -5.01 -31.61
C ASP C 213 -17.22 -3.56 -31.96
N ASN C 214 -18.10 -2.84 -32.63
CA ASN C 214 -17.79 -1.46 -33.01
C ASN C 214 -19.04 -0.58 -33.02
N PRO C 215 -19.59 -0.26 -31.83
CA PRO C 215 -20.77 0.59 -31.75
C PRO C 215 -20.44 2.00 -32.24
N ASN C 216 -21.41 2.66 -32.89
CA ASN C 216 -21.21 4.01 -33.41
C ASN C 216 -22.33 4.94 -32.96
N PRO C 217 -22.17 5.57 -31.79
CA PRO C 217 -23.15 6.50 -31.22
C PRO C 217 -23.60 7.62 -32.17
N ALA C 218 -22.74 7.98 -33.11
CA ALA C 218 -23.04 9.05 -34.05
C ALA C 218 -24.26 8.78 -34.91
N ASN C 219 -24.53 7.51 -35.21
CA ASN C 219 -25.69 7.19 -36.04
C ASN C 219 -26.91 6.70 -35.26
N TRP C 220 -26.94 6.97 -33.96
CA TRP C 220 -28.05 6.56 -33.13
C TRP C 220 -29.09 7.68 -33.00
N ASP C 221 -30.30 7.33 -32.59
CA ASP C 221 -31.35 8.33 -32.41
C ASP C 221 -30.90 9.33 -31.36
N THR C 222 -31.67 10.41 -31.20
CA THR C 222 -31.39 11.44 -30.22
C THR C 222 -31.33 10.86 -28.81
N PRO C 223 -30.23 11.12 -28.08
CA PRO C 223 -30.11 10.60 -26.72
C PRO C 223 -31.21 11.12 -25.80
N ALA C 224 -31.50 10.36 -24.75
CA ALA C 224 -32.53 10.74 -23.78
C ALA C 224 -31.98 11.88 -22.95
N ALA C 225 -30.67 11.90 -22.75
CA ALA C 225 -30.03 12.94 -21.98
C ALA C 225 -28.72 13.31 -22.65
N LYS C 226 -28.37 14.58 -22.55
CA LYS C 226 -27.11 15.06 -23.11
C LYS C 226 -26.66 16.18 -22.19
N PHE C 227 -25.40 16.13 -21.80
CA PHE C 227 -24.83 17.12 -20.90
C PHE C 227 -23.64 17.71 -21.62
N ALA C 228 -23.83 18.91 -22.16
CA ALA C 228 -22.80 19.61 -22.89
C ALA C 228 -23.02 21.12 -22.79
N GLY C 229 -22.09 21.91 -23.33
CA GLY C 229 -22.22 23.34 -23.29
C GLY C 229 -20.98 24.00 -22.74
N GLY C 230 -20.77 25.28 -23.09
CA GLY C 230 -19.60 25.98 -22.62
C GLY C 230 -19.68 26.30 -21.14
N GLY C 231 -20.83 26.01 -20.54
CA GLY C 231 -21.01 26.28 -19.13
C GLY C 231 -20.31 25.25 -18.25
N CYS C 232 -19.41 24.47 -18.85
CA CYS C 232 -18.71 23.42 -18.12
C CYS C 232 -17.45 22.97 -18.84
N ASP C 233 -16.38 22.73 -18.08
CA ASP C 233 -15.13 22.22 -18.64
C ASP C 233 -15.28 20.71 -18.49
N TRP C 234 -15.89 20.09 -19.49
CA TRP C 234 -16.18 18.66 -19.45
C TRP C 234 -14.99 17.74 -19.18
N GLU C 235 -13.85 18.04 -19.78
CA GLU C 235 -12.67 17.23 -19.58
C GLU C 235 -12.12 17.30 -18.16
N GLY C 236 -11.95 18.52 -17.64
CA GLY C 236 -11.41 18.67 -16.30
C GLY C 236 -12.36 18.33 -15.17
N LYS C 237 -13.66 18.46 -15.42
CA LYS C 237 -14.65 18.16 -14.39
C LYS C 237 -14.85 16.67 -14.12
N PHE C 238 -14.36 15.82 -15.02
CA PHE C 238 -14.49 14.37 -14.86
C PHE C 238 -13.22 13.59 -15.17
N ASN C 239 -12.66 12.91 -14.18
CA ASN C 239 -11.50 12.07 -14.45
C ASN C 239 -11.96 10.62 -14.57
N ALA C 240 -11.03 9.67 -14.56
CA ALA C 240 -11.34 8.25 -14.70
C ALA C 240 -12.57 7.86 -13.89
N GLN C 241 -13.57 7.29 -14.56
CA GLN C 241 -14.81 6.91 -13.89
C GLN C 241 -14.90 5.40 -13.60
N ARG C 242 -15.36 5.04 -12.41
CA ARG C 242 -15.56 3.62 -12.13
C ARG C 242 -17.07 3.36 -12.08
N LEU C 243 -17.47 2.16 -12.52
CA LEU C 243 -18.88 1.79 -12.56
C LEU C 243 -19.38 1.33 -11.21
N ILE C 244 -20.59 1.76 -10.87
CA ILE C 244 -21.18 1.39 -9.60
C ILE C 244 -22.62 0.92 -9.75
N PHE C 245 -22.95 -0.10 -8.96
CA PHE C 245 -24.29 -0.66 -8.88
C PHE C 245 -24.66 -0.59 -7.41
N ASP C 246 -25.79 0.01 -7.09
CA ASP C 246 -26.20 0.01 -5.70
C ASP C 246 -27.70 0.15 -5.60
N VAL C 247 -28.20 -0.19 -4.43
CA VAL C 247 -29.60 0.00 -4.10
C VAL C 247 -29.54 0.40 -2.63
N THR C 248 -29.94 1.63 -2.33
CA THR C 248 -29.97 2.03 -0.93
C THR C 248 -31.43 2.31 -0.61
N PHE C 249 -31.76 2.64 0.65
CA PHE C 249 -33.14 2.90 1.03
C PHE C 249 -33.25 4.22 1.82
N CYS C 250 -34.35 4.94 1.62
CA CYS C 250 -34.57 6.19 2.34
C CYS C 250 -33.35 7.10 2.17
N GLY C 251 -32.80 7.63 3.25
CA GLY C 251 -31.63 8.50 3.11
C GLY C 251 -31.85 9.88 2.53
N ASP C 252 -30.76 10.50 2.08
CA ASP C 252 -30.73 11.86 1.52
C ASP C 252 -31.76 12.24 0.47
N TRP C 253 -32.14 11.29 -0.37
CA TRP C 253 -33.11 11.57 -1.41
C TRP C 253 -34.43 10.87 -1.10
N ALA C 254 -34.50 9.58 -1.37
CA ALA C 254 -35.73 8.81 -1.13
C ALA C 254 -36.36 9.06 0.23
N GLY C 255 -35.56 9.07 1.27
CA GLY C 255 -36.09 9.28 2.60
C GLY C 255 -36.73 10.64 2.81
N ASN C 256 -36.09 11.68 2.27
CA ASN C 256 -36.62 13.03 2.42
C ASN C 256 -37.85 13.31 1.56
N VAL C 257 -37.88 12.73 0.37
CA VAL C 257 -39.01 12.94 -0.54
C VAL C 257 -40.01 11.76 -0.46
N TRP C 258 -40.16 11.19 0.73
CA TRP C 258 -41.08 10.07 0.95
C TRP C 258 -42.53 10.56 0.81
N GLY C 259 -42.76 11.85 1.09
CA GLY C 259 -44.08 12.45 1.01
C GLY C 259 -44.51 12.83 -0.40
N ILE C 260 -43.69 12.45 -1.37
CA ILE C 260 -43.95 12.71 -2.78
C ILE C 260 -44.69 11.47 -3.32
N GLY C 261 -44.73 11.33 -4.64
CA GLY C 261 -45.35 10.20 -5.32
C GLY C 261 -46.34 9.19 -4.74
N GLY C 262 -46.77 9.32 -3.49
CA GLY C 262 -47.74 8.35 -3.02
C GLY C 262 -47.30 7.15 -2.18
N CYS C 263 -46.07 7.14 -1.70
CA CYS C 263 -45.65 6.04 -0.84
C CYS C 263 -46.04 6.47 0.59
N ALA C 264 -46.42 7.74 0.72
CA ALA C 264 -46.79 8.33 2.01
C ALA C 264 -47.85 7.55 2.76
N SER C 265 -48.78 6.96 2.00
CA SER C 265 -49.89 6.18 2.58
C SER C 265 -49.50 4.76 3.02
N ARG C 266 -48.29 4.32 2.68
CA ARG C 266 -47.87 2.98 3.05
C ARG C 266 -47.28 2.93 4.46
N ALA C 267 -46.77 4.07 4.92
CA ALA C 267 -46.21 4.15 6.25
C ALA C 267 -45.96 5.60 6.62
N ALA C 268 -45.79 5.84 7.91
CA ALA C 268 -45.54 7.19 8.38
C ALA C 268 -44.14 7.61 7.92
N ASN C 269 -43.15 6.75 8.18
CA ASN C 269 -41.75 7.00 7.82
C ASN C 269 -41.26 6.00 6.77
N CYS C 270 -40.26 6.42 6.01
CA CYS C 270 -39.66 5.57 4.99
C CYS C 270 -38.97 4.41 5.72
N VAL C 271 -38.17 4.77 6.72
CA VAL C 271 -37.44 3.78 7.50
C VAL C 271 -38.34 2.72 8.11
N ASP C 272 -39.49 3.15 8.63
CA ASP C 272 -40.43 2.22 9.23
C ASP C 272 -40.91 1.23 8.17
N PHE C 273 -41.18 1.73 6.97
CA PHE C 273 -41.65 0.89 5.88
C PHE C 273 -40.60 -0.13 5.46
N VAL C 274 -39.39 0.37 5.23
CA VAL C 274 -38.29 -0.48 4.80
C VAL C 274 -37.98 -1.54 5.85
N ARG C 275 -38.05 -1.14 7.11
CA ARG C 275 -37.74 -2.06 8.19
C ARG C 275 -38.73 -3.21 8.34
N ASP C 276 -40.02 -2.88 8.35
CA ASP C 276 -41.05 -3.86 8.59
C ASP C 276 -41.76 -4.54 7.41
N ASN C 277 -41.39 -4.19 6.18
CA ASN C 277 -42.03 -4.79 5.01
C ASN C 277 -41.04 -5.45 4.05
N PRO C 278 -40.29 -6.45 4.51
CA PRO C 278 -39.32 -7.10 3.63
C PRO C 278 -39.85 -7.55 2.26
N SER C 279 -41.02 -8.18 2.23
CA SER C 279 -41.58 -8.67 0.96
C SER C 279 -41.79 -7.57 -0.10
N ALA C 280 -41.85 -6.32 0.32
CA ALA C 280 -42.04 -5.25 -0.64
C ALA C 280 -40.86 -5.08 -1.59
N PHE C 281 -39.70 -5.61 -1.23
CA PHE C 281 -38.51 -5.41 -2.06
C PHE C 281 -38.07 -6.51 -3.01
N ALA C 282 -38.96 -7.43 -3.32
CA ALA C 282 -38.58 -8.53 -4.22
C ALA C 282 -38.18 -8.02 -5.60
N GLU C 283 -38.80 -6.93 -6.04
CA GLU C 283 -38.49 -6.39 -7.36
C GLU C 283 -37.24 -5.49 -7.41
N SER C 284 -36.62 -5.26 -6.26
CA SER C 284 -35.44 -4.39 -6.21
C SER C 284 -34.14 -5.10 -6.60
N TYR C 285 -34.04 -5.51 -7.85
CA TYR C 285 -32.85 -6.20 -8.29
C TYR C 285 -32.47 -5.91 -9.74
N TRP C 286 -31.16 -5.92 -9.97
CA TRP C 286 -30.57 -5.73 -11.28
C TRP C 286 -30.44 -7.14 -11.84
N LEU C 287 -30.68 -7.32 -13.14
CA LEU C 287 -30.49 -8.61 -13.79
C LEU C 287 -29.78 -8.23 -15.09
N VAL C 288 -28.47 -8.47 -15.12
CA VAL C 288 -27.64 -8.09 -16.25
C VAL C 288 -27.43 -9.10 -17.36
N ASN C 289 -27.76 -8.67 -18.59
CA ASN C 289 -27.57 -9.51 -19.76
C ASN C 289 -26.11 -9.31 -20.18
N SER C 290 -25.65 -8.07 -20.15
CA SER C 290 -24.25 -7.81 -20.49
C SER C 290 -23.88 -6.40 -20.09
N LEU C 291 -22.59 -6.24 -19.78
CA LEU C 291 -22.03 -4.95 -19.39
C LEU C 291 -20.73 -4.92 -20.15
N ARG C 292 -20.63 -3.99 -21.10
CA ARG C 292 -19.45 -3.88 -21.92
C ARG C 292 -19.05 -2.41 -21.97
N VAL C 293 -17.75 -2.17 -21.87
CA VAL C 293 -17.19 -0.83 -21.90
C VAL C 293 -16.30 -0.74 -23.11
N TYR C 294 -16.44 0.36 -23.85
CA TYR C 294 -15.67 0.59 -25.07
C TYR C 294 -14.90 1.89 -24.95
N ALA C 295 -13.91 2.02 -25.81
CA ALA C 295 -13.10 3.22 -25.84
C ALA C 295 -12.80 3.60 -27.29
N PRO C 296 -12.68 4.91 -27.56
CA PRO C 296 -12.40 5.41 -28.90
C PRO C 296 -10.95 5.08 -29.28
N TYR D 1 -14.40 -24.78 -21.04
CA TYR D 1 -13.81 -23.41 -21.18
C TYR D 1 -14.56 -22.47 -22.11
N HIS D 2 -14.75 -21.24 -21.64
CA HIS D 2 -15.39 -20.19 -22.42
C HIS D 2 -14.57 -18.89 -22.27
N LEU D 3 -14.59 -18.07 -23.31
CA LEU D 3 -13.86 -16.82 -23.33
C LEU D 3 -14.32 -15.82 -22.26
N VAL D 4 -13.36 -15.24 -21.54
CA VAL D 4 -13.71 -14.26 -20.51
C VAL D 4 -12.98 -12.94 -20.77
N ASP D 5 -11.95 -12.96 -21.62
CA ASP D 5 -11.20 -11.73 -21.88
C ASP D 5 -10.33 -11.84 -23.15
N ASP D 6 -10.79 -11.26 -24.25
CA ASP D 6 -9.99 -11.24 -25.49
C ASP D 6 -9.29 -9.87 -25.48
N TYR D 7 -7.96 -9.86 -25.51
CA TYR D 7 -7.25 -8.59 -25.43
C TYR D 7 -7.14 -7.74 -26.69
N GLY D 8 -7.74 -8.18 -27.79
CA GLY D 8 -7.68 -7.39 -29.00
C GLY D 8 -6.28 -7.07 -29.47
N ARG D 9 -6.08 -5.87 -30.03
CA ARG D 9 -4.78 -5.47 -30.54
C ARG D 9 -4.57 -3.96 -30.46
N GLY D 10 -3.31 -3.55 -30.64
CA GLY D 10 -2.98 -2.13 -30.61
C GLY D 10 -3.50 -1.38 -29.39
N ASN D 11 -4.07 -0.20 -29.65
CA ASN D 11 -4.59 0.63 -28.58
C ASN D 11 -5.63 -0.07 -27.71
N GLY D 12 -6.41 -0.97 -28.31
CA GLY D 12 -7.40 -1.70 -27.54
C GLY D 12 -6.72 -2.63 -26.56
N PHE D 13 -5.61 -3.20 -27.01
CA PHE D 13 -4.81 -4.10 -26.18
C PHE D 13 -4.18 -3.27 -25.04
N PHE D 14 -3.51 -2.17 -25.37
CA PHE D 14 -2.91 -1.36 -24.30
C PHE D 14 -3.88 -0.79 -23.27
N ASP D 15 -5.12 -0.55 -23.69
CA ASP D 15 -6.15 -0.02 -22.78
C ASP D 15 -6.49 -1.00 -21.67
N LYS D 16 -6.07 -2.25 -21.85
CA LYS D 16 -6.36 -3.30 -20.88
C LYS D 16 -5.21 -3.52 -19.91
N PHE D 17 -4.21 -2.65 -19.99
CA PHE D 17 -3.03 -2.74 -19.15
C PHE D 17 -2.66 -1.43 -18.47
N ASN D 18 -2.06 -1.56 -17.30
CA ASN D 18 -1.53 -0.39 -16.63
C ASN D 18 -0.06 -0.44 -17.01
N PHE D 19 0.57 0.70 -17.23
CA PHE D 19 1.99 0.73 -17.56
C PHE D 19 2.73 1.06 -16.25
N PHE D 20 3.54 0.12 -15.77
CA PHE D 20 4.30 0.30 -14.53
C PHE D 20 5.51 1.20 -14.84
N THR D 21 5.71 2.23 -14.02
CA THR D 21 6.83 3.15 -14.25
C THR D 21 7.73 3.31 -13.03
N GLY D 22 7.50 2.48 -12.01
CA GLY D 22 8.34 2.57 -10.83
C GLY D 22 9.72 1.98 -11.09
N ASP D 23 10.64 2.11 -10.12
CA ASP D 23 11.95 1.53 -10.29
C ASP D 23 11.73 0.01 -10.44
N ASP D 24 12.57 -0.65 -11.21
CA ASP D 24 12.40 -2.08 -11.41
C ASP D 24 12.44 -2.91 -10.14
N PRO D 25 11.40 -3.71 -9.88
CA PRO D 25 11.43 -4.52 -8.66
C PRO D 25 12.62 -5.49 -8.69
N THR D 26 13.05 -5.89 -9.89
CA THR D 26 14.20 -6.82 -9.97
C THR D 26 15.55 -6.10 -10.15
N HIS D 27 15.53 -4.79 -9.90
CA HIS D 27 16.71 -3.96 -9.93
C HIS D 27 17.51 -3.91 -11.21
N GLY D 28 16.84 -4.08 -12.34
CA GLY D 28 17.53 -4.03 -13.61
C GLY D 28 17.92 -2.62 -14.00
N TYR D 29 18.74 -2.52 -15.03
CA TYR D 29 19.19 -1.25 -15.56
C TYR D 29 18.16 -0.93 -16.64
N VAL D 30 16.95 -0.67 -16.21
CA VAL D 30 15.84 -0.40 -17.10
C VAL D 30 15.12 0.88 -16.67
N ASP D 31 14.53 1.56 -17.63
CA ASP D 31 13.75 2.77 -17.34
C ASP D 31 12.37 2.48 -17.90
N TYR D 32 11.45 2.04 -17.05
CA TYR D 32 10.10 1.74 -17.50
C TYR D 32 9.34 3.06 -17.72
N VAL D 33 8.88 3.27 -18.94
CA VAL D 33 8.18 4.51 -19.29
C VAL D 33 6.69 4.34 -19.43
N SER D 34 6.00 5.48 -19.36
CA SER D 34 4.55 5.55 -19.46
C SER D 34 4.15 5.18 -20.86
N ARG D 35 2.85 4.96 -21.02
CA ARG D 35 2.31 4.60 -22.31
C ARG D 35 2.58 5.69 -23.36
N ASP D 36 2.37 6.95 -22.97
CA ASP D 36 2.59 8.05 -23.91
C ASP D 36 4.06 8.19 -24.31
N VAL D 37 4.98 8.02 -23.36
CA VAL D 37 6.40 8.11 -23.70
C VAL D 37 6.78 6.92 -24.60
N ALA D 38 6.31 5.73 -24.23
CA ALA D 38 6.57 4.54 -25.03
C ALA D 38 6.09 4.77 -26.45
N ALA D 39 4.85 5.20 -26.60
CA ALA D 39 4.32 5.43 -27.93
C ALA D 39 5.20 6.43 -28.69
N GLY D 40 5.63 7.47 -28.01
CA GLY D 40 6.46 8.50 -28.63
C GLY D 40 7.87 8.01 -28.98
N ALA D 41 8.30 6.93 -28.33
CA ALA D 41 9.62 6.37 -28.54
C ALA D 41 9.56 5.13 -29.45
N GLY D 42 8.37 4.80 -29.91
CA GLY D 42 8.21 3.63 -30.77
C GLY D 42 8.33 2.30 -30.04
N LEU D 43 8.21 2.32 -28.72
CA LEU D 43 8.32 1.11 -27.92
C LEU D 43 7.04 0.29 -27.94
N ILE D 44 5.93 0.91 -28.32
CA ILE D 44 4.68 0.17 -28.42
C ILE D 44 3.94 0.62 -29.65
N GLY D 45 3.08 -0.28 -30.15
CA GLY D 45 2.30 0.06 -31.32
C GLY D 45 1.68 -1.18 -31.92
N GLU D 46 1.38 -1.10 -33.21
CA GLU D 46 0.79 -2.22 -33.92
C GLU D 46 1.62 -2.37 -35.20
N ARG D 47 1.87 -3.62 -35.59
CA ARG D 47 2.65 -3.90 -36.79
C ARG D 47 1.88 -4.92 -37.60
N ASP D 48 1.24 -4.43 -38.66
CA ASP D 48 0.42 -5.26 -39.53
C ASP D 48 -0.56 -6.11 -38.71
N GLY D 49 -1.31 -5.45 -37.83
CA GLY D 49 -2.29 -6.17 -37.04
C GLY D 49 -1.81 -6.85 -35.77
N ARG D 50 -0.50 -6.94 -35.59
CA ARG D 50 0.08 -7.54 -34.38
C ARG D 50 0.44 -6.44 -33.38
N THR D 51 0.34 -6.75 -32.10
CA THR D 51 0.66 -5.77 -31.07
C THR D 51 2.13 -5.85 -30.74
N TYR D 52 2.78 -4.69 -30.77
CA TYR D 52 4.21 -4.56 -30.53
C TYR D 52 4.54 -3.92 -29.20
N MET D 53 5.51 -4.50 -28.51
CA MET D 53 6.02 -3.99 -27.24
C MET D 53 7.51 -4.33 -27.28
N GLY D 54 8.35 -3.30 -27.31
CA GLY D 54 9.78 -3.52 -27.37
C GLY D 54 10.56 -2.57 -26.49
N VAL D 55 11.85 -2.45 -26.79
CA VAL D 55 12.71 -1.59 -26.02
C VAL D 55 13.43 -0.59 -26.92
N ASP D 56 14.07 0.39 -26.30
CA ASP D 56 14.81 1.42 -27.00
C ASP D 56 16.05 0.74 -27.55
N PHE D 57 16.22 0.69 -28.87
CA PHE D 57 17.42 0.07 -29.41
C PHE D 57 18.14 1.12 -30.25
N THR D 58 17.85 2.37 -29.93
CA THR D 58 18.41 3.50 -30.64
C THR D 58 19.36 4.38 -29.84
N ASN D 59 18.92 4.77 -28.65
CA ASN D 59 19.70 5.69 -27.82
C ASN D 59 20.64 5.11 -26.77
N PRO D 60 21.85 5.68 -26.66
CA PRO D 60 22.71 5.11 -25.61
C PRO D 60 21.88 5.43 -24.36
N ALA D 61 21.84 4.52 -23.40
CA ALA D 61 21.00 4.71 -22.23
C ALA D 61 21.51 5.71 -21.20
N SER D 62 20.60 6.20 -20.36
CA SER D 62 20.97 7.12 -19.30
C SER D 62 19.95 7.01 -18.16
N GLY D 63 20.20 7.73 -17.07
CA GLY D 63 19.28 7.67 -15.95
C GLY D 63 19.17 6.26 -15.39
N ARG D 64 17.95 5.81 -15.11
CA ARG D 64 17.66 4.49 -14.54
C ARG D 64 18.08 3.32 -15.40
N GLY D 65 18.16 3.54 -16.71
CA GLY D 65 18.55 2.48 -17.62
C GLY D 65 17.93 2.59 -19.00
N ARG D 66 18.01 1.50 -19.76
CA ARG D 66 17.48 1.47 -21.11
C ARG D 66 15.95 1.47 -21.03
N ARG D 67 15.33 2.28 -21.88
CA ARG D 67 13.88 2.39 -21.85
C ARG D 67 13.17 1.13 -22.35
N SER D 68 12.14 0.76 -21.59
CA SER D 68 11.35 -0.43 -21.88
C SER D 68 9.98 -0.16 -21.29
N VAL D 69 9.11 -1.15 -21.33
CA VAL D 69 7.78 -0.99 -20.76
C VAL D 69 7.45 -2.25 -20.00
N ARG D 70 6.63 -2.09 -18.98
CA ARG D 70 6.18 -3.20 -18.18
C ARG D 70 4.67 -3.01 -18.05
N LEU D 71 3.91 -3.86 -18.74
CA LEU D 71 2.46 -3.76 -18.70
C LEU D 71 1.87 -4.80 -17.76
N GLU D 72 1.01 -4.34 -16.85
CA GLU D 72 0.35 -5.23 -15.90
C GLU D 72 -1.15 -5.11 -16.19
N SER D 73 -1.80 -6.24 -16.47
CA SER D 73 -3.21 -6.19 -16.82
C SER D 73 -4.10 -5.61 -15.74
N LYS D 74 -5.11 -4.87 -16.18
CA LYS D 74 -6.06 -4.27 -15.28
C LYS D 74 -6.90 -5.38 -14.63
N ASN D 75 -7.21 -6.40 -15.42
CA ASN D 75 -8.02 -7.52 -14.94
C ASN D 75 -7.20 -8.68 -14.34
N THR D 76 -7.73 -9.32 -13.30
CA THR D 76 -7.06 -10.48 -12.71
C THR D 76 -7.96 -11.68 -12.91
N TYR D 77 -7.41 -12.88 -12.75
CA TYR D 77 -8.18 -14.10 -12.93
C TYR D 77 -7.83 -15.10 -11.79
N GLU D 78 -8.87 -15.64 -11.16
CA GLU D 78 -8.71 -16.61 -10.05
C GLU D 78 -8.21 -17.94 -10.60
N HIS D 79 -8.88 -18.47 -11.62
CA HIS D 79 -8.50 -19.71 -12.29
C HIS D 79 -8.73 -19.50 -13.78
N GLY D 80 -8.30 -20.44 -14.62
CA GLY D 80 -8.54 -20.25 -16.04
C GLY D 80 -7.43 -20.67 -16.97
N LEU D 81 -7.59 -20.33 -18.23
CA LEU D 81 -6.64 -20.68 -19.25
C LEU D 81 -6.21 -19.43 -20.00
N ILE D 82 -4.91 -19.16 -19.99
CA ILE D 82 -4.36 -18.00 -20.68
C ILE D 82 -3.62 -18.49 -21.91
N VAL D 83 -4.05 -18.00 -23.07
CA VAL D 83 -3.43 -18.41 -24.32
C VAL D 83 -2.85 -17.22 -25.08
N ILE D 84 -1.54 -17.25 -25.30
CA ILE D 84 -0.92 -16.17 -26.05
C ILE D 84 -0.32 -16.75 -27.33
N ASP D 85 -0.60 -16.06 -28.44
CA ASP D 85 -0.09 -16.45 -29.74
C ASP D 85 0.91 -15.35 -30.10
N LEU D 86 2.19 -15.71 -30.17
CA LEU D 86 3.24 -14.75 -30.45
C LEU D 86 3.93 -14.97 -31.77
N ALA D 87 4.05 -13.91 -32.56
CA ALA D 87 4.75 -14.01 -33.83
C ALA D 87 6.22 -13.76 -33.56
N HIS D 88 6.51 -13.13 -32.42
CA HIS D 88 7.89 -12.79 -32.05
C HIS D 88 7.93 -12.54 -30.55
N MET D 89 9.07 -12.83 -29.92
CA MET D 89 9.22 -12.54 -28.50
C MET D 89 10.61 -11.95 -28.39
N PRO D 90 10.92 -11.27 -27.28
CA PRO D 90 12.25 -10.68 -27.10
C PRO D 90 13.29 -11.77 -27.39
N GLY D 91 14.29 -11.44 -28.19
CA GLY D 91 15.30 -12.42 -28.55
C GLY D 91 16.30 -12.80 -27.47
N SER D 92 17.19 -13.72 -27.84
CA SER D 92 18.25 -14.22 -26.97
C SER D 92 19.33 -13.17 -26.96
N VAL D 93 18.96 -11.97 -26.51
CA VAL D 93 19.89 -10.86 -26.50
C VAL D 93 20.61 -10.66 -25.17
N CYS D 94 21.93 -10.58 -25.26
CA CYS D 94 22.75 -10.37 -24.08
C CYS D 94 22.30 -9.15 -23.30
N GLY D 95 22.20 -9.32 -21.98
CA GLY D 95 21.81 -8.23 -21.11
C GLY D 95 20.33 -8.10 -20.85
N THR D 96 19.52 -8.80 -21.66
CA THR D 96 18.07 -8.73 -21.52
C THR D 96 17.44 -9.80 -20.64
N TRP D 97 16.25 -9.49 -20.17
CA TRP D 97 15.53 -10.40 -19.27
C TRP D 97 14.04 -10.18 -19.52
N PRO D 98 13.54 -10.76 -20.62
CA PRO D 98 12.13 -10.64 -20.99
C PRO D 98 11.28 -11.60 -20.18
N ALA D 99 10.01 -11.26 -20.05
CA ALA D 99 9.09 -12.14 -19.32
C ALA D 99 7.62 -11.83 -19.57
N PHE D 100 6.86 -12.89 -19.79
CA PHE D 100 5.40 -12.79 -19.93
C PHE D 100 5.07 -13.67 -18.74
N TRP D 101 4.38 -13.12 -17.75
CA TRP D 101 4.12 -13.87 -16.55
C TRP D 101 2.89 -13.37 -15.84
N THR D 102 2.57 -13.99 -14.70
CA THR D 102 1.42 -13.56 -13.92
C THR D 102 1.84 -13.38 -12.48
N LEU D 103 1.23 -12.42 -11.82
CA LEU D 103 1.58 -12.11 -10.44
C LEU D 103 0.30 -12.05 -9.63
N GLY D 104 0.27 -12.73 -8.49
CA GLY D 104 -0.93 -12.71 -7.68
C GLY D 104 -1.13 -11.38 -6.97
N THR D 105 -2.32 -11.19 -6.42
CA THR D 105 -2.63 -9.98 -5.67
C THR D 105 -2.12 -10.21 -4.26
N GLY D 106 -1.91 -9.13 -3.52
CA GLY D 106 -1.42 -9.25 -2.16
C GLY D 106 0.09 -9.10 -2.05
N ASP D 107 0.60 -9.26 -0.84
CA ASP D 107 2.02 -9.15 -0.60
C ASP D 107 2.79 -10.34 -1.18
N TRP D 108 3.92 -10.04 -1.82
CA TRP D 108 4.79 -11.06 -2.37
C TRP D 108 5.36 -11.80 -1.16
N PRO D 109 5.51 -13.14 -1.26
CA PRO D 109 5.19 -14.00 -2.39
C PRO D 109 3.91 -14.79 -2.12
N TYR D 110 3.14 -14.34 -1.13
CA TYR D 110 1.92 -15.05 -0.75
C TYR D 110 0.83 -15.17 -1.81
N GLY D 111 0.93 -14.37 -2.87
CA GLY D 111 -0.08 -14.43 -3.92
C GLY D 111 0.31 -15.37 -5.05
N GLY D 112 1.58 -15.78 -5.05
CA GLY D 112 2.09 -16.65 -6.09
C GLY D 112 2.40 -15.86 -7.34
N ALA D 113 3.20 -16.45 -8.23
CA ALA D 113 3.54 -15.81 -9.49
C ALA D 113 3.87 -16.94 -10.45
N ILE D 114 3.57 -16.74 -11.73
CA ILE D 114 3.81 -17.76 -12.72
C ILE D 114 4.59 -17.18 -13.89
N ASP D 115 5.80 -17.69 -14.12
CA ASP D 115 6.60 -17.25 -15.25
C ASP D 115 6.28 -18.22 -16.38
N ILE D 116 5.59 -17.72 -17.41
CA ILE D 116 5.20 -18.53 -18.56
C ILE D 116 6.31 -18.55 -19.60
N ILE D 117 6.76 -17.36 -19.98
CA ILE D 117 7.87 -17.23 -20.92
C ILE D 117 8.89 -16.38 -20.19
N GLU D 118 10.08 -16.94 -19.95
CA GLU D 118 11.09 -16.17 -19.26
C GLU D 118 12.50 -16.69 -19.51
N GLY D 119 13.45 -15.76 -19.55
CA GLY D 119 14.83 -16.12 -19.76
C GLY D 119 15.71 -14.90 -19.63
N VAL D 120 17.01 -15.10 -19.82
CA VAL D 120 17.95 -13.99 -19.74
C VAL D 120 19.06 -14.19 -20.75
N ASN D 121 19.69 -13.08 -21.10
CA ASN D 121 20.81 -13.05 -21.99
C ASN D 121 20.67 -13.93 -23.23
N ASP D 122 21.69 -14.73 -23.54
CA ASP D 122 21.63 -15.57 -24.71
C ASP D 122 21.02 -16.94 -24.45
N ASN D 123 20.10 -17.03 -23.50
CA ASN D 123 19.42 -18.30 -23.21
C ASN D 123 18.79 -18.84 -24.47
N THR D 124 18.74 -20.17 -24.56
CA THR D 124 18.18 -20.87 -25.70
C THR D 124 16.81 -21.48 -25.43
N PHE D 125 16.66 -22.01 -24.23
CA PHE D 125 15.43 -22.69 -23.84
C PHE D 125 14.56 -21.88 -22.90
N ASN D 126 13.27 -22.02 -23.04
CA ASN D 126 12.34 -21.32 -22.19
C ASN D 126 12.38 -21.88 -20.77
N HIS D 127 12.09 -21.01 -19.80
CA HIS D 127 12.05 -21.36 -18.38
C HIS D 127 10.64 -21.10 -17.86
N MET D 128 9.99 -22.14 -17.34
CA MET D 128 8.64 -22.00 -16.80
C MET D 128 8.74 -22.24 -15.29
N VAL D 129 8.41 -21.20 -14.53
CA VAL D 129 8.60 -21.21 -13.08
C VAL D 129 7.47 -20.64 -12.25
N LEU D 130 7.34 -21.15 -11.01
CA LEU D 130 6.34 -20.65 -10.07
C LEU D 130 7.13 -20.15 -8.86
N HIS D 131 6.63 -19.10 -8.23
CA HIS D 131 7.28 -18.54 -7.07
C HIS D 131 6.18 -18.47 -6.03
N THR D 132 6.41 -19.04 -4.86
CA THR D 132 5.39 -19.07 -3.84
C THR D 132 5.97 -18.89 -2.46
N SER D 133 5.08 -18.91 -1.47
CA SER D 133 5.50 -18.83 -0.09
C SER D 133 5.94 -20.26 0.26
N ASP D 134 6.36 -20.50 1.49
CA ASP D 134 6.84 -21.83 1.86
C ASP D 134 5.74 -22.89 1.90
N GLY D 135 6.14 -24.13 1.64
CA GLY D 135 5.19 -25.22 1.67
C GLY D 135 4.58 -25.58 0.33
N CYS D 136 5.37 -25.50 -0.74
CA CYS D 136 4.87 -25.83 -2.08
C CYS D 136 5.95 -26.45 -2.96
N THR D 137 5.86 -27.76 -3.17
CA THR D 137 6.82 -28.46 -4.03
C THR D 137 5.97 -29.20 -5.03
N ILE D 138 6.53 -29.42 -6.21
CA ILE D 138 5.81 -30.08 -7.28
C ILE D 138 6.28 -31.49 -7.54
N ASP D 139 5.39 -32.31 -8.10
CA ASP D 139 5.77 -33.67 -8.45
C ASP D 139 6.60 -33.61 -9.71
N ASN D 140 7.38 -34.65 -9.95
CA ASN D 140 8.23 -34.72 -11.12
C ASN D 140 7.73 -35.66 -12.19
N ASP D 141 6.69 -35.24 -12.90
CA ASP D 141 6.13 -36.04 -13.98
C ASP D 141 4.87 -35.38 -14.55
N GLY D 142 4.48 -35.80 -15.74
CA GLY D 142 3.30 -35.24 -16.37
C GLY D 142 3.62 -34.13 -17.34
N PHE D 143 4.92 -33.92 -17.61
CA PHE D 143 5.35 -32.88 -18.53
C PHE D 143 6.55 -33.35 -19.31
N THR D 144 6.87 -32.62 -20.37
CA THR D 144 8.00 -32.97 -21.24
C THR D 144 9.29 -32.22 -20.95
N GLY D 145 9.18 -31.07 -20.31
CA GLY D 145 10.39 -30.32 -20.02
C GLY D 145 11.24 -31.02 -18.98
N ASN D 146 12.44 -30.50 -18.75
CA ASN D 146 13.31 -31.09 -17.74
C ASN D 146 13.23 -30.23 -16.48
N LEU D 147 12.81 -30.87 -15.40
CA LEU D 147 12.68 -30.19 -14.13
C LEU D 147 14.02 -29.70 -13.60
N LYS D 148 14.06 -28.43 -13.22
CA LYS D 148 15.28 -27.82 -12.69
C LYS D 148 15.25 -27.67 -11.17
N THR D 149 14.12 -27.24 -10.63
CA THR D 149 13.98 -27.10 -9.20
C THR D 149 12.57 -27.51 -8.84
N SER D 150 12.48 -28.26 -7.74
CA SER D 150 11.24 -28.82 -7.28
C SER D 150 10.47 -28.01 -6.22
N ASN D 151 11.15 -27.07 -5.58
CA ASN D 151 10.53 -26.28 -4.52
C ASN D 151 10.19 -24.87 -5.03
N CYS D 152 8.92 -24.51 -4.94
CA CYS D 152 8.50 -23.21 -5.44
C CYS D 152 8.71 -22.07 -4.47
N TYR D 153 9.00 -22.40 -3.21
CA TYR D 153 9.22 -21.38 -2.21
C TYR D 153 10.41 -20.53 -2.57
N VAL D 154 10.22 -19.22 -2.52
CA VAL D 154 11.26 -18.25 -2.85
C VAL D 154 12.60 -18.48 -2.16
N TYR D 155 12.59 -19.03 -0.95
CA TYR D 155 13.85 -19.30 -0.26
C TYR D 155 13.97 -20.78 0.05
N ALA D 156 13.50 -21.60 -0.86
CA ALA D 156 13.58 -23.04 -0.69
C ALA D 156 15.03 -23.35 -0.35
N PRO D 157 15.26 -24.27 0.60
CA PRO D 157 16.65 -24.58 0.93
C PRO D 157 17.22 -25.46 -0.19
N GLY D 158 18.49 -25.28 -0.50
CA GLY D 158 19.09 -26.07 -1.57
C GLY D 158 18.89 -25.51 -2.97
N GLN D 159 18.16 -24.40 -3.09
CA GLN D 159 17.93 -23.75 -4.38
C GLN D 159 18.41 -22.30 -4.29
N ASP D 160 18.69 -21.66 -5.41
CA ASP D 160 19.12 -20.26 -5.36
C ASP D 160 17.94 -19.43 -4.85
N ALA D 161 18.24 -18.28 -4.24
CA ALA D 161 17.20 -17.39 -3.73
C ALA D 161 16.26 -17.04 -4.88
N ASN D 162 14.97 -17.26 -4.66
CA ASN D 162 13.92 -16.98 -5.64
C ASN D 162 13.97 -17.77 -6.94
N ALA D 163 14.60 -18.94 -6.91
CA ALA D 163 14.68 -19.76 -8.09
C ALA D 163 13.26 -20.27 -8.35
N GLY D 164 12.51 -20.47 -7.28
CA GLY D 164 11.18 -20.99 -7.45
C GLY D 164 11.29 -22.37 -8.08
N CYS D 165 10.16 -22.99 -8.40
CA CYS D 165 10.18 -24.32 -9.01
C CYS D 165 10.07 -24.15 -10.51
N GLY D 166 11.14 -24.50 -11.21
CA GLY D 166 11.16 -24.32 -12.65
C GLY D 166 11.37 -25.57 -13.46
N ILE D 167 10.86 -25.51 -14.69
CA ILE D 167 10.93 -26.60 -15.65
C ILE D 167 11.43 -25.94 -16.95
N GLU D 168 12.50 -26.49 -17.50
CA GLU D 168 13.13 -25.97 -18.70
C GLU D 168 12.71 -26.74 -19.96
N ALA D 169 12.24 -26.00 -20.98
CA ALA D 169 11.82 -26.61 -22.23
C ALA D 169 13.00 -27.30 -22.90
N THR D 170 12.72 -28.30 -23.71
CA THR D 170 13.77 -29.04 -24.41
C THR D 170 13.91 -28.53 -25.85
N ASP D 171 12.88 -27.85 -26.33
CA ASP D 171 12.89 -27.32 -27.69
C ASP D 171 13.61 -25.96 -27.75
N PRO D 172 14.75 -25.89 -28.48
CA PRO D 172 15.49 -24.63 -28.60
C PRO D 172 14.70 -23.52 -29.30
N ASN D 173 13.53 -23.84 -29.84
CA ASN D 173 12.71 -22.82 -30.49
C ASN D 173 11.61 -22.37 -29.53
N SER D 174 11.74 -22.76 -28.26
CA SER D 174 10.74 -22.40 -27.25
C SER D 174 11.03 -20.99 -26.70
N TYR D 175 12.17 -20.45 -27.05
CA TYR D 175 12.53 -19.15 -26.53
C TYR D 175 13.47 -18.39 -27.44
N GLY D 176 13.42 -17.06 -27.30
CA GLY D 176 14.30 -16.18 -28.04
C GLY D 176 14.54 -16.38 -29.53
N LYS D 177 15.82 -16.40 -29.90
CA LYS D 177 16.22 -16.50 -31.29
C LYS D 177 15.55 -17.61 -32.08
N GLY D 178 15.63 -18.84 -31.56
CA GLY D 178 15.02 -19.97 -32.23
C GLY D 178 13.52 -19.81 -32.37
N PHE D 179 12.88 -19.33 -31.31
CA PHE D 179 11.43 -19.11 -31.33
C PHE D 179 11.08 -18.13 -32.46
N ASN D 180 11.86 -17.06 -32.57
CA ASN D 180 11.58 -16.07 -33.61
C ASN D 180 11.88 -16.58 -35.02
N SER D 181 12.95 -17.36 -35.17
CA SER D 181 13.33 -17.88 -36.47
C SER D 181 12.24 -18.74 -37.09
N ILE D 182 11.36 -19.29 -36.26
CA ILE D 182 10.28 -20.12 -36.79
C ILE D 182 8.91 -19.43 -36.82
N GLY D 183 8.88 -18.13 -36.59
CA GLY D 183 7.61 -17.43 -36.60
C GLY D 183 6.88 -17.54 -35.28
N GLY D 184 7.62 -17.84 -34.21
CA GLY D 184 7.02 -17.94 -32.90
C GLY D 184 6.14 -19.15 -32.64
N GLY D 185 5.06 -18.92 -31.93
CA GLY D 185 4.17 -20.02 -31.61
C GLY D 185 3.19 -19.61 -30.54
N ILE D 186 2.68 -20.61 -29.82
CA ILE D 186 1.68 -20.39 -28.79
C ILE D 186 1.99 -21.03 -27.44
N TYR D 187 1.78 -20.26 -26.38
CA TYR D 187 1.97 -20.74 -25.02
C TYR D 187 0.61 -20.68 -24.39
N ALA D 188 0.19 -21.81 -23.83
CA ALA D 188 -1.11 -21.87 -23.18
C ALA D 188 -0.82 -22.22 -21.72
N THR D 189 -1.48 -21.50 -20.81
CA THR D 189 -1.26 -21.71 -19.39
C THR D 189 -2.58 -21.96 -18.67
N GLU D 190 -2.70 -23.11 -18.03
CA GLU D 190 -3.92 -23.42 -17.30
C GLU D 190 -3.70 -23.39 -15.80
N ILE D 191 -4.55 -22.64 -15.12
CA ILE D 191 -4.49 -22.51 -13.67
C ILE D 191 -5.76 -23.13 -13.11
N THR D 192 -5.60 -24.13 -12.22
CA THR D 192 -6.74 -24.80 -11.60
C THR D 192 -6.45 -24.98 -10.11
N PRO D 193 -7.46 -25.37 -9.33
CA PRO D 193 -7.25 -25.56 -7.89
C PRO D 193 -6.38 -26.78 -7.62
N ASN D 194 -6.04 -27.51 -8.67
CA ASN D 194 -5.23 -28.72 -8.56
C ASN D 194 -3.85 -28.57 -9.18
N GLY D 195 -3.50 -27.36 -9.59
CA GLY D 195 -2.18 -27.18 -10.16
C GLY D 195 -2.16 -26.29 -11.39
N ILE D 196 -1.01 -26.22 -12.03
CA ILE D 196 -0.81 -25.37 -13.19
C ILE D 196 -0.10 -26.14 -14.28
N SER D 197 -0.46 -25.88 -15.54
CA SER D 197 0.17 -26.54 -16.67
C SER D 197 0.44 -25.55 -17.78
N ILE D 198 1.57 -25.69 -18.46
CA ILE D 198 1.93 -24.80 -19.56
C ILE D 198 2.34 -25.61 -20.78
N TRP D 199 1.70 -25.30 -21.91
CA TRP D 199 1.96 -25.95 -23.18
C TRP D 199 2.62 -24.99 -24.17
N PHE D 200 3.65 -25.47 -24.87
CA PHE D 200 4.30 -24.68 -25.91
C PHE D 200 4.10 -25.37 -27.25
N PHE D 201 3.44 -24.67 -28.17
CA PHE D 201 3.18 -25.19 -29.51
C PHE D 201 3.94 -24.38 -30.54
N PRO D 202 5.06 -24.92 -31.07
CA PRO D 202 5.77 -24.11 -32.08
C PRO D 202 4.82 -23.81 -33.23
N ARG D 203 5.07 -22.69 -33.92
CA ARG D 203 4.21 -22.26 -35.02
C ARG D 203 3.68 -23.40 -35.88
N GLY D 204 2.36 -23.44 -36.07
CA GLY D 204 1.76 -24.46 -36.90
C GLY D 204 1.49 -25.82 -36.30
N SER D 205 2.09 -26.12 -35.15
CA SER D 205 1.90 -27.43 -34.51
C SER D 205 0.80 -27.41 -33.46
N GLU D 206 0.17 -26.26 -33.27
CA GLU D 206 -0.85 -26.12 -32.26
C GLU D 206 -2.12 -26.90 -32.54
N PRO D 207 -2.86 -27.24 -31.48
CA PRO D 207 -4.12 -27.97 -31.64
C PRO D 207 -5.16 -27.06 -32.30
N GLY D 208 -6.09 -27.66 -33.03
CA GLY D 208 -7.11 -26.89 -33.73
C GLY D 208 -8.08 -26.05 -32.92
N ASP D 209 -8.14 -26.28 -31.60
CA ASP D 209 -9.06 -25.51 -30.76
C ASP D 209 -8.38 -24.51 -29.83
N VAL D 210 -7.06 -24.40 -29.88
CA VAL D 210 -6.38 -23.48 -28.95
C VAL D 210 -6.66 -21.98 -29.10
N LEU D 211 -7.06 -21.53 -30.29
CA LEU D 211 -7.35 -20.12 -30.52
C LEU D 211 -8.85 -19.84 -30.56
N GLY D 212 -9.63 -20.92 -30.51
CA GLY D 212 -11.08 -20.79 -30.59
C GLY D 212 -11.84 -20.39 -29.36
N ASP D 213 -13.15 -20.58 -29.43
CA ASP D 213 -14.08 -20.23 -28.36
C ASP D 213 -14.20 -21.24 -27.24
N ASN D 214 -13.72 -22.46 -27.46
CA ASN D 214 -13.81 -23.48 -26.42
C ASN D 214 -12.65 -24.46 -26.45
N PRO D 215 -11.45 -24.00 -26.06
CA PRO D 215 -10.28 -24.88 -26.06
C PRO D 215 -10.42 -25.93 -24.96
N ASN D 216 -9.93 -27.14 -25.25
CA ASN D 216 -10.01 -28.23 -24.27
C ASN D 216 -8.63 -28.84 -24.07
N PRO D 217 -7.90 -28.33 -23.07
CA PRO D 217 -6.54 -28.81 -22.75
C PRO D 217 -6.50 -30.32 -22.52
N ALA D 218 -7.57 -30.86 -21.94
CA ALA D 218 -7.64 -32.30 -21.65
C ALA D 218 -7.21 -33.18 -22.82
N ASN D 219 -7.42 -32.73 -24.04
CA ASN D 219 -7.05 -33.53 -25.21
C ASN D 219 -5.79 -33.09 -25.93
N TRP D 220 -5.05 -32.13 -25.37
CA TRP D 220 -3.82 -31.68 -26.00
C TRP D 220 -2.68 -32.61 -25.58
N ASP D 221 -1.55 -32.53 -26.27
CA ASP D 221 -0.42 -33.37 -25.94
C ASP D 221 0.09 -32.99 -24.54
N THR D 222 1.08 -33.74 -24.07
CA THR D 222 1.66 -33.51 -22.75
C THR D 222 2.25 -32.11 -22.64
N PRO D 223 1.91 -31.37 -21.57
CA PRO D 223 2.44 -30.01 -21.40
C PRO D 223 3.97 -30.00 -21.31
N ALA D 224 4.57 -28.85 -21.58
CA ALA D 224 6.01 -28.73 -21.50
C ALA D 224 6.36 -28.66 -20.03
N ALA D 225 5.44 -28.13 -19.24
CA ALA D 225 5.65 -28.01 -17.81
C ALA D 225 4.33 -28.17 -17.08
N LYS D 226 4.38 -28.89 -15.97
CA LYS D 226 3.20 -29.11 -15.13
C LYS D 226 3.64 -28.98 -13.69
N PHE D 227 2.83 -28.27 -12.92
CA PHE D 227 3.14 -28.04 -11.51
C PHE D 227 1.95 -28.60 -10.75
N ALA D 228 2.18 -29.69 -10.03
CA ALA D 228 1.11 -30.33 -9.29
C ALA D 228 1.65 -31.32 -8.27
N GLY D 229 0.75 -31.91 -7.50
CA GLY D 229 1.18 -32.86 -6.49
C GLY D 229 0.66 -32.50 -5.12
N GLY D 230 0.72 -33.45 -4.19
CA GLY D 230 0.24 -33.21 -2.85
C GLY D 230 1.21 -32.35 -2.05
N GLY D 231 2.35 -32.05 -2.65
CA GLY D 231 3.34 -31.24 -1.96
C GLY D 231 3.02 -29.75 -1.95
N CYS D 232 1.82 -29.37 -2.38
CA CYS D 232 1.41 -27.96 -2.42
C CYS D 232 -0.11 -27.76 -2.36
N ASP D 233 -0.52 -26.67 -1.73
CA ASP D 233 -1.94 -26.31 -1.65
C ASP D 233 -2.15 -25.35 -2.81
N TRP D 234 -2.35 -25.91 -4.00
CA TRP D 234 -2.50 -25.10 -5.20
C TRP D 234 -3.55 -24.00 -5.14
N GLU D 235 -4.63 -24.23 -4.40
CA GLU D 235 -5.67 -23.24 -4.30
C GLU D 235 -5.23 -22.09 -3.40
N GLY D 236 -4.63 -22.43 -2.27
CA GLY D 236 -4.19 -21.40 -1.33
C GLY D 236 -2.92 -20.64 -1.68
N LYS D 237 -1.98 -21.29 -2.36
CA LYS D 237 -0.73 -20.62 -2.71
C LYS D 237 -0.85 -19.61 -3.87
N PHE D 238 -1.96 -19.66 -4.60
CA PHE D 238 -2.13 -18.73 -5.70
C PHE D 238 -3.42 -17.91 -5.64
N ASN D 239 -3.28 -16.59 -5.66
CA ASN D 239 -4.41 -15.67 -5.64
C ASN D 239 -4.77 -15.32 -7.07
N ALA D 240 -5.70 -14.38 -7.21
CA ALA D 240 -6.09 -13.91 -8.54
C ALA D 240 -4.78 -13.39 -9.15
N GLN D 241 -4.55 -13.75 -10.41
CA GLN D 241 -3.33 -13.38 -11.12
C GLN D 241 -3.52 -12.31 -12.20
N ARG D 242 -2.56 -11.40 -12.32
CA ARG D 242 -2.64 -10.40 -13.39
C ARG D 242 -1.52 -10.73 -14.37
N LEU D 243 -1.78 -10.49 -15.66
CA LEU D 243 -0.82 -10.79 -16.71
C LEU D 243 0.20 -9.65 -16.81
N ILE D 244 1.47 -9.98 -17.04
CA ILE D 244 2.49 -8.97 -17.16
C ILE D 244 3.44 -9.25 -18.31
N PHE D 245 3.77 -8.20 -19.05
CA PHE D 245 4.76 -8.28 -20.13
C PHE D 245 5.86 -7.32 -19.74
N ASP D 246 7.11 -7.75 -19.77
CA ASP D 246 8.18 -6.83 -19.50
C ASP D 246 9.48 -7.29 -20.10
N VAL D 247 10.40 -6.36 -20.24
CA VAL D 247 11.74 -6.68 -20.68
C VAL D 247 12.59 -5.80 -19.78
N THR D 248 13.31 -6.40 -18.85
CA THR D 248 14.19 -5.59 -18.04
C THR D 248 15.57 -5.91 -18.55
N PHE D 249 16.60 -5.31 -17.94
CA PHE D 249 17.98 -5.51 -18.36
C PHE D 249 18.84 -5.74 -17.14
N CYS D 250 19.81 -6.65 -17.25
CA CYS D 250 20.72 -6.95 -16.15
C CYS D 250 19.89 -7.26 -14.91
N GLY D 251 20.21 -6.65 -13.77
CA GLY D 251 19.38 -6.95 -12.61
C GLY D 251 19.66 -8.25 -11.89
N ASP D 252 18.77 -8.59 -10.95
CA ASP D 252 18.92 -9.76 -10.09
C ASP D 252 19.29 -11.08 -10.76
N TRP D 253 18.75 -11.33 -11.95
CA TRP D 253 19.06 -12.57 -12.63
C TRP D 253 20.07 -12.31 -13.75
N ALA D 254 19.62 -11.65 -14.81
CA ALA D 254 20.52 -11.41 -15.95
C ALA D 254 21.84 -10.73 -15.61
N GLY D 255 21.80 -9.70 -14.79
CA GLY D 255 23.02 -8.98 -14.47
C GLY D 255 23.95 -9.81 -13.61
N ASN D 256 23.36 -10.69 -12.81
CA ASN D 256 24.14 -11.52 -11.93
C ASN D 256 24.86 -12.63 -12.69
N VAL D 257 24.21 -13.19 -13.71
CA VAL D 257 24.84 -14.27 -14.47
C VAL D 257 25.60 -13.80 -15.73
N TRP D 258 25.69 -12.48 -15.94
CA TRP D 258 26.39 -11.94 -17.09
C TRP D 258 27.85 -12.38 -17.24
N GLY D 259 28.66 -12.05 -16.23
CA GLY D 259 30.09 -12.38 -16.25
C GLY D 259 30.49 -13.84 -16.27
N ILE D 260 29.51 -14.74 -16.32
CA ILE D 260 29.84 -16.17 -16.32
C ILE D 260 29.50 -16.90 -17.60
N GLY D 261 28.53 -16.40 -18.36
CA GLY D 261 28.11 -17.05 -19.59
C GLY D 261 28.68 -16.55 -20.92
N GLY D 262 27.99 -16.88 -22.00
CA GLY D 262 28.41 -16.51 -23.33
C GLY D 262 28.39 -15.03 -23.68
N CYS D 263 27.91 -14.17 -22.79
CA CYS D 263 27.86 -12.73 -23.04
C CYS D 263 29.03 -12.03 -22.38
N ALA D 264 29.72 -12.75 -21.49
CA ALA D 264 30.85 -12.20 -20.75
C ALA D 264 31.88 -11.43 -21.58
N SER D 265 32.13 -11.85 -22.81
CA SER D 265 33.12 -11.17 -23.63
C SER D 265 32.65 -9.84 -24.20
N ARG D 266 31.34 -9.67 -24.33
CA ARG D 266 30.75 -8.46 -24.90
C ARG D 266 31.08 -7.16 -24.16
N ALA D 267 31.28 -7.24 -22.85
CA ALA D 267 31.60 -6.07 -22.04
C ALA D 267 32.02 -6.48 -20.65
N ALA D 268 32.67 -5.56 -19.93
CA ALA D 268 33.11 -5.83 -18.57
C ALA D 268 31.93 -6.30 -17.73
N ASN D 269 30.80 -5.61 -17.88
CA ASN D 269 29.61 -5.97 -17.13
C ASN D 269 28.35 -5.71 -17.95
N CYS D 270 27.25 -6.25 -17.47
CA CYS D 270 25.96 -6.12 -18.16
C CYS D 270 25.51 -4.68 -18.35
N VAL D 271 25.61 -3.86 -17.31
CA VAL D 271 25.18 -2.47 -17.42
C VAL D 271 25.95 -1.73 -18.52
N ASP D 272 27.27 -1.94 -18.60
CA ASP D 272 28.05 -1.26 -19.62
C ASP D 272 27.56 -1.64 -21.02
N PHE D 273 27.30 -2.92 -21.22
CA PHE D 273 26.81 -3.39 -22.52
C PHE D 273 25.46 -2.78 -22.90
N VAL D 274 24.50 -2.86 -21.98
CA VAL D 274 23.16 -2.33 -22.22
C VAL D 274 23.19 -0.82 -22.45
N ARG D 275 24.00 -0.11 -21.69
CA ARG D 275 24.08 1.33 -21.85
C ARG D 275 24.67 1.79 -23.18
N ASP D 276 25.78 1.16 -23.57
CA ASP D 276 26.48 1.58 -24.78
C ASP D 276 26.22 0.89 -26.11
N ASN D 277 25.36 -0.11 -26.13
CA ASN D 277 25.11 -0.83 -27.38
C ASN D 277 23.64 -0.92 -27.70
N PRO D 278 23.00 0.24 -27.94
CA PRO D 278 21.58 0.25 -28.24
C PRO D 278 21.16 -0.66 -29.38
N SER D 279 21.94 -0.71 -30.46
CA SER D 279 21.56 -1.52 -31.61
C SER D 279 21.44 -3.00 -31.29
N ALA D 280 22.01 -3.41 -30.17
CA ALA D 280 21.95 -4.82 -29.79
C ALA D 280 20.55 -5.29 -29.43
N PHE D 281 19.67 -4.36 -29.06
CA PHE D 281 18.33 -4.71 -28.59
C PHE D 281 17.16 -4.63 -29.55
N ALA D 282 17.47 -4.61 -30.84
CA ALA D 282 16.45 -4.54 -31.88
C ALA D 282 15.52 -5.75 -31.80
N GLU D 283 16.07 -6.91 -31.45
CA GLU D 283 15.27 -8.10 -31.37
C GLU D 283 14.46 -8.24 -30.08
N SER D 284 14.67 -7.36 -29.12
CA SER D 284 13.94 -7.48 -27.85
C SER D 284 12.53 -6.93 -27.86
N TYR D 285 11.65 -7.58 -28.63
CA TYR D 285 10.28 -7.14 -28.69
C TYR D 285 9.28 -8.27 -28.76
N TRP D 286 8.09 -8.00 -28.25
CA TRP D 286 6.98 -8.95 -28.30
C TRP D 286 6.17 -8.52 -29.52
N LEU D 287 5.58 -9.47 -30.23
CA LEU D 287 4.71 -9.15 -31.36
C LEU D 287 3.60 -10.18 -31.13
N VAL D 288 2.48 -9.69 -30.61
CA VAL D 288 1.32 -10.52 -30.24
C VAL D 288 0.28 -10.69 -31.33
N ASN D 289 -0.07 -11.95 -31.60
CA ASN D 289 -1.09 -12.25 -32.59
C ASN D 289 -2.40 -12.17 -31.84
N SER D 290 -2.45 -12.76 -30.66
CA SER D 290 -3.65 -12.70 -29.84
C SER D 290 -3.33 -13.10 -28.39
N LEU D 291 -4.14 -12.58 -27.47
CA LEU D 291 -4.00 -12.89 -26.06
C LEU D 291 -5.43 -13.08 -25.59
N ARG D 292 -5.77 -14.30 -25.22
CA ARG D 292 -7.12 -14.61 -24.80
C ARG D 292 -7.12 -15.40 -23.51
N VAL D 293 -8.05 -15.05 -22.63
CA VAL D 293 -8.17 -15.74 -21.35
C VAL D 293 -9.52 -16.44 -21.28
N TYR D 294 -9.54 -17.65 -20.74
CA TYR D 294 -10.76 -18.44 -20.62
C TYR D 294 -10.99 -18.89 -19.18
N ALA D 295 -12.24 -19.18 -18.86
CA ALA D 295 -12.60 -19.66 -17.53
C ALA D 295 -13.37 -20.96 -17.70
N PRO D 296 -13.23 -21.87 -16.73
CA PRO D 296 -13.96 -23.15 -16.82
C PRO D 296 -15.47 -22.89 -16.84
#